data_9IHW
#
_entry.id   9IHW
#
_cell.length_a   61.330
_cell.length_b   41.150
_cell.length_c   194.150
_cell.angle_alpha   90.00
_cell.angle_beta   96.15
_cell.angle_gamma   90.00
#
_symmetry.space_group_name_H-M   'P 1 2 1'
#
loop_
_entity.id
_entity.type
_entity.pdbx_description
1 polymer 'Glycoside hydrolase family 57 N-terminal domain-containing protein'
2 branched alpha-D-glucopyranose-(1-4)-alpha-D-glucopyranose-(1-4)-alpha-D-glucopyranose-(1-4)-alpha-D-glucopyranose-(1-4)-alpha-D-glucopyranose-(1-4)-alpha-D-glucopyranose
3 non-polymer GLYCEROL
4 water water
#
_entity_poly.entity_id   1
_entity_poly.type   'polypeptide(L)'
_entity_poly.pdbx_seq_one_letter_code
;MKKLFLVFWWHMHQPLYREPYTGEYLLPWTFFHAVKDYYDMPAYLKDFEIKLNFNLTPVLIDQIQEYAQGKAKDVFLEAI
RKDPDDLEKEEVEKLIEFTKLNYEKPIYRFERIRELMNKEKLNREELLDLQTLNLLAWCGRTLRKDLKDLLNKGRNYTQE
EKEYVLNKYFEIIKKTLSIYREIKEEGKGSVSTSPYYHPLIPILLNPNCVYETTPNVKIPDFAVSFREDASKHVELAKEK
YFEIFGEHPVYMWPPEASVSNEALELYYEKGINMLATDEVILKNSVERASPYLRYYFRELISVFFRDKTLSDLIGFSYHA
WNAEDAVRDFIGRLKKIHESVDFQPVVFVVLNGENCWEYYEENGIPFLEKLYSTLEKEEWIETLTLEEAMRKEDVKTEVI
ESVKAGTWFDGNFLKWIGNKEKNEYWKILIEAKKKAKNDYILVAEGSDWFWWQGEEKAPFVEVFDKLFRSFVRRAQE
;
_entity_poly.pdbx_strand_id   A,B
#
loop_
_chem_comp.id
_chem_comp.type
_chem_comp.name
_chem_comp.formula
GLC D-saccharide, alpha linking alpha-D-glucopyranose 'C6 H12 O6'
GOL non-polymer GLYCEROL 'C3 H8 O3'
#
# COMPACT_ATOMS: atom_id res chain seq x y z
N LYS A 2 -4.73 -4.76 19.95
CA LYS A 2 -5.65 -3.62 19.88
C LYS A 2 -5.85 -3.18 18.43
N LYS A 3 -7.08 -3.24 17.96
CA LYS A 3 -7.39 -2.91 16.58
C LYS A 3 -8.02 -1.53 16.48
N LEU A 4 -7.92 -0.97 15.28
CA LEU A 4 -8.73 0.16 14.87
C LEU A 4 -9.84 -0.37 13.98
N PHE A 5 -11.08 -0.02 14.29
CA PHE A 5 -12.22 -0.48 13.51
C PHE A 5 -12.58 0.61 12.53
N LEU A 6 -12.61 0.26 11.25
CA LEU A 6 -12.82 1.22 10.17
C LEU A 6 -14.10 0.85 9.44
N VAL A 7 -14.99 1.83 9.25
CA VAL A 7 -16.30 1.55 8.69
C VAL A 7 -16.54 2.52 7.54
N PHE A 8 -16.48 2.02 6.30
CA PHE A 8 -16.87 2.81 5.13
C PHE A 8 -18.36 2.71 4.93
N TRP A 9 -18.99 3.85 4.66
CA TRP A 9 -20.43 3.85 4.35
C TRP A 9 -20.60 4.80 3.18
N TRP A 10 -20.79 4.22 1.99
CA TRP A 10 -20.90 4.96 0.75
C TRP A 10 -22.36 5.22 0.43
N HIS A 11 -22.71 6.50 0.27
CA HIS A 11 -24.11 6.91 0.13
C HIS A 11 -24.40 7.19 -1.33
N MET A 12 -25.39 6.48 -1.87
CA MET A 12 -25.76 6.56 -3.28
C MET A 12 -27.17 7.12 -3.41
N HIS A 13 -27.33 8.15 -4.24
CA HIS A 13 -28.63 8.79 -4.33
C HIS A 13 -28.72 9.59 -5.62
N GLN A 14 -29.91 9.60 -6.22
CA GLN A 14 -30.26 10.56 -7.27
C GLN A 14 -31.71 10.96 -7.04
N PRO A 15 -32.04 12.24 -7.16
CA PRO A 15 -33.46 12.65 -7.17
C PRO A 15 -34.13 12.12 -8.42
N LEU A 16 -35.46 12.22 -8.45
CA LEU A 16 -36.22 11.65 -9.57
C LEU A 16 -36.13 12.56 -10.79
N TYR A 17 -35.43 12.11 -11.84
CA TYR A 17 -35.31 12.89 -13.06
C TYR A 17 -36.45 12.65 -14.03
N ARG A 18 -37.35 11.74 -13.69
CA ARG A 18 -38.45 11.34 -14.57
C ARG A 18 -39.59 12.34 -14.48
N GLU A 19 -39.79 13.11 -15.55
CA GLU A 19 -40.87 14.10 -15.60
C GLU A 19 -42.22 13.37 -15.56
N PRO A 20 -43.14 13.78 -14.68
CA PRO A 20 -44.31 12.94 -14.39
C PRO A 20 -45.35 12.92 -15.48
N TYR A 21 -45.39 13.93 -16.35
CA TYR A 21 -46.40 13.95 -17.39
C TYR A 21 -45.96 13.22 -18.65
N THR A 22 -44.69 13.39 -19.05
CA THR A 22 -44.15 12.75 -20.24
C THR A 22 -43.47 11.42 -19.94
N GLY A 23 -43.07 11.17 -18.70
CA GLY A 23 -42.26 10.02 -18.38
C GLY A 23 -40.80 10.13 -18.79
N GLU A 24 -40.37 11.28 -19.30
CA GLU A 24 -39.01 11.43 -19.81
C GLU A 24 -38.02 11.71 -18.67
N TYR A 25 -36.89 11.01 -18.69
CA TYR A 25 -35.78 11.33 -17.79
C TYR A 25 -35.06 12.54 -18.38
N LEU A 26 -35.18 13.70 -17.72
CA LEU A 26 -34.72 14.95 -18.31
C LEU A 26 -33.23 15.19 -18.16
N LEU A 27 -32.55 14.48 -17.28
CA LEU A 27 -31.10 14.50 -17.12
C LEU A 27 -30.61 13.07 -17.07
N PRO A 28 -29.41 12.79 -17.59
CA PRO A 28 -28.89 11.41 -17.65
C PRO A 28 -28.09 10.99 -16.42
N TRP A 29 -28.15 11.74 -15.32
CA TRP A 29 -27.19 11.50 -14.24
C TRP A 29 -27.38 10.14 -13.57
N THR A 30 -28.61 9.64 -13.47
CA THR A 30 -28.77 8.29 -12.92
C THR A 30 -28.13 7.26 -13.84
N PHE A 31 -28.32 7.41 -15.15
CA PHE A 31 -27.69 6.45 -16.07
C PHE A 31 -26.18 6.48 -15.93
N PHE A 32 -25.60 7.68 -15.91
CA PHE A 32 -24.15 7.77 -15.94
C PHE A 32 -23.54 7.32 -14.62
N HIS A 33 -24.15 7.67 -13.48
CA HIS A 33 -23.60 7.15 -12.23
C HIS A 33 -23.90 5.68 -12.02
N ALA A 34 -24.97 5.15 -12.63
CA ALA A 34 -25.17 3.69 -12.60
C ALA A 34 -24.08 2.95 -13.37
N VAL A 35 -23.75 3.41 -14.58
CA VAL A 35 -22.76 2.69 -15.36
C VAL A 35 -21.36 2.93 -14.84
N LYS A 36 -21.13 4.04 -14.14
CA LYS A 36 -19.80 4.37 -13.66
C LYS A 36 -19.56 3.90 -12.23
N ASP A 37 -20.53 4.10 -11.33
CA ASP A 37 -20.28 3.96 -9.89
C ASP A 37 -21.17 2.97 -9.17
N TYR A 38 -22.46 2.89 -9.50
CA TYR A 38 -23.38 2.17 -8.61
C TYR A 38 -23.17 0.66 -8.64
N TYR A 39 -22.69 0.11 -9.75
CA TYR A 39 -22.25 -1.27 -9.76
C TYR A 39 -20.80 -1.39 -9.31
N ASP A 40 -19.94 -0.47 -9.76
CA ASP A 40 -18.51 -0.70 -9.59
C ASP A 40 -18.06 -0.47 -8.16
N MET A 41 -18.72 0.41 -7.39
CA MET A 41 -18.26 0.61 -6.02
C MET A 41 -18.42 -0.65 -5.19
N PRO A 42 -19.59 -1.29 -5.10
CA PRO A 42 -19.63 -2.61 -4.46
C PRO A 42 -18.80 -3.67 -5.17
N ALA A 43 -18.60 -3.55 -6.47
CA ALA A 43 -17.86 -4.60 -7.17
C ALA A 43 -16.39 -4.67 -6.75
N TYR A 44 -15.85 -3.60 -6.13
CA TYR A 44 -14.51 -3.70 -5.57
C TYR A 44 -14.42 -4.86 -4.57
N LEU A 45 -15.53 -5.18 -3.91
CA LEU A 45 -15.53 -6.27 -2.93
C LEU A 45 -15.29 -7.64 -3.56
N LYS A 46 -15.44 -7.77 -4.88
CA LYS A 46 -15.07 -9.00 -5.56
C LYS A 46 -13.57 -9.21 -5.58
N ASP A 47 -12.79 -8.14 -5.44
CA ASP A 47 -11.35 -8.19 -5.63
C ASP A 47 -10.55 -7.95 -4.36
N PHE A 48 -11.16 -7.34 -3.34
CA PHE A 48 -10.47 -6.97 -2.11
C PHE A 48 -11.23 -7.52 -0.92
N GLU A 49 -10.52 -8.16 -0.01
CA GLU A 49 -11.14 -8.87 1.11
C GLU A 49 -11.24 -7.89 2.29
N ILE A 50 -12.07 -6.89 2.11
CA ILE A 50 -12.41 -5.92 3.15
C ILE A 50 -13.94 -5.84 3.22
N LYS A 51 -14.43 -5.07 4.18
CA LYS A 51 -15.86 -4.79 4.29
C LYS A 51 -16.12 -3.36 3.83
N LEU A 52 -17.19 -3.20 3.03
CA LEU A 52 -17.64 -1.89 2.58
C LEU A 52 -19.16 -1.84 2.65
N ASN A 53 -19.72 -0.77 3.22
CA ASN A 53 -21.16 -0.62 3.37
C ASN A 53 -21.71 0.42 2.40
N PHE A 54 -23.01 0.30 2.10
CA PHE A 54 -23.66 1.14 1.09
C PHE A 54 -25.03 1.60 1.57
N ASN A 55 -25.37 2.83 1.22
CA ASN A 55 -26.73 3.31 1.35
C ASN A 55 -27.29 3.52 -0.03
N LEU A 56 -28.51 3.03 -0.25
CA LEU A 56 -29.22 3.20 -1.52
C LEU A 56 -30.54 3.92 -1.21
N THR A 57 -30.74 5.10 -1.80
CA THR A 57 -32.05 5.67 -1.53
C THR A 57 -33.13 4.98 -2.37
N PRO A 58 -34.36 4.92 -1.86
CA PRO A 58 -35.41 4.23 -2.61
C PRO A 58 -35.67 4.87 -3.95
N VAL A 59 -35.61 6.21 -4.02
CA VAL A 59 -35.87 6.84 -5.30
C VAL A 59 -34.76 6.50 -6.31
N LEU A 60 -33.51 6.36 -5.84
CA LEU A 60 -32.48 5.86 -6.75
C LEU A 60 -32.77 4.42 -7.19
N ILE A 61 -33.18 3.57 -6.25
CA ILE A 61 -33.49 2.18 -6.61
C ILE A 61 -34.58 2.13 -7.68
N ASP A 62 -35.64 2.94 -7.52
CA ASP A 62 -36.70 2.98 -8.54
C ASP A 62 -36.12 3.23 -9.92
N GLN A 63 -35.21 4.20 -10.02
CA GLN A 63 -34.70 4.58 -11.33
C GLN A 63 -33.77 3.51 -11.89
N ILE A 64 -32.94 2.91 -11.05
CA ILE A 64 -32.06 1.84 -11.51
C ILE A 64 -32.90 0.72 -12.09
N GLN A 65 -34.03 0.43 -11.44
CA GLN A 65 -34.92 -0.62 -11.93
C GLN A 65 -35.53 -0.23 -13.28
N GLU A 66 -35.92 1.04 -13.44
CA GLU A 66 -36.56 1.45 -14.69
C GLU A 66 -35.57 1.37 -15.85
N TYR A 67 -34.31 1.74 -15.61
CA TYR A 67 -33.30 1.58 -16.66
C TYR A 67 -33.02 0.11 -16.94
N ALA A 68 -32.89 -0.70 -15.89
CA ALA A 68 -32.60 -2.12 -16.06
C ALA A 68 -33.70 -2.82 -16.85
N GLN A 69 -34.94 -2.37 -16.69
CA GLN A 69 -36.05 -2.97 -17.40
C GLN A 69 -36.24 -2.41 -18.80
N GLY A 70 -35.38 -1.49 -19.24
CA GLY A 70 -35.52 -0.89 -20.54
C GLY A 70 -36.65 0.09 -20.69
N LYS A 71 -37.18 0.61 -19.56
CA LYS A 71 -38.34 1.49 -19.60
C LYS A 71 -37.99 2.96 -19.44
N ALA A 72 -36.75 3.30 -19.14
CA ALA A 72 -36.37 4.69 -18.90
C ALA A 72 -36.20 5.41 -20.23
N LYS A 73 -37.01 6.45 -20.46
CA LYS A 73 -36.90 7.28 -21.66
C LYS A 73 -36.00 8.46 -21.33
N ASP A 74 -34.70 8.29 -21.61
CA ASP A 74 -33.67 9.25 -21.21
C ASP A 74 -33.35 10.12 -22.44
N VAL A 75 -33.66 11.41 -22.36
CA VAL A 75 -33.57 12.26 -23.54
C VAL A 75 -32.12 12.48 -23.95
N PHE A 76 -31.23 12.71 -22.98
N PHE A 76 -31.27 12.71 -22.98
CA PHE A 76 -29.83 12.86 -23.32
CA PHE A 76 -29.89 12.85 -23.31
C PHE A 76 -29.25 11.55 -23.90
C PHE A 76 -29.26 11.55 -23.90
N LEU A 77 -29.62 10.43 -23.34
CA LEU A 77 -29.10 9.17 -23.86
C LEU A 77 -29.59 8.90 -25.28
N GLU A 78 -30.82 9.31 -25.59
CA GLU A 78 -31.30 9.18 -26.97
C GLU A 78 -30.44 9.98 -27.94
N ALA A 79 -30.00 11.17 -27.51
CA ALA A 79 -29.09 11.93 -28.38
C ALA A 79 -27.75 11.25 -28.54
N ILE A 80 -27.35 10.40 -27.58
CA ILE A 80 -26.11 9.64 -27.76
C ILE A 80 -26.34 8.43 -28.66
N ARG A 81 -27.49 7.75 -28.51
CA ARG A 81 -27.69 6.48 -29.20
C ARG A 81 -27.89 6.67 -30.71
N LYS A 82 -28.58 7.73 -31.11
CA LYS A 82 -28.96 7.91 -32.51
C LYS A 82 -27.75 7.98 -33.42
N ASP A 83 -27.92 7.50 -34.65
CA ASP A 83 -27.01 7.87 -35.72
C ASP A 83 -26.98 9.39 -35.83
N PRO A 84 -25.81 10.01 -35.93
CA PRO A 84 -25.78 11.49 -36.00
C PRO A 84 -26.64 12.06 -37.11
N ASP A 85 -26.86 11.32 -38.20
CA ASP A 85 -27.74 11.83 -39.26
C ASP A 85 -29.17 12.02 -38.77
N ASP A 86 -29.55 11.34 -37.69
CA ASP A 86 -30.89 11.41 -37.14
C ASP A 86 -31.02 12.44 -36.03
N LEU A 87 -29.93 13.10 -35.66
CA LEU A 87 -29.95 14.06 -34.55
C LEU A 87 -30.74 15.32 -34.89
N GLU A 88 -31.58 15.74 -33.96
CA GLU A 88 -32.19 17.06 -34.04
C GLU A 88 -31.14 18.13 -33.74
N LYS A 89 -31.34 19.32 -34.31
CA LYS A 89 -30.50 20.44 -33.94
C LYS A 89 -30.45 20.61 -32.42
N GLU A 90 -31.59 20.46 -31.76
CA GLU A 90 -31.62 20.60 -30.30
C GLU A 90 -30.78 19.54 -29.62
N GLU A 91 -30.72 18.33 -30.18
CA GLU A 91 -29.95 17.25 -29.55
C GLU A 91 -28.45 17.48 -29.74
N VAL A 92 -28.05 18.02 -30.89
CA VAL A 92 -26.65 18.39 -31.08
C VAL A 92 -26.25 19.44 -30.06
N GLU A 93 -27.10 20.44 -29.87
CA GLU A 93 -26.84 21.46 -28.86
C GLU A 93 -26.69 20.85 -27.48
N LYS A 94 -27.59 19.92 -27.13
CA LYS A 94 -27.52 19.28 -25.82
C LYS A 94 -26.21 18.51 -25.66
N LEU A 95 -25.79 17.79 -26.71
CA LEU A 95 -24.54 17.03 -26.66
C LEU A 95 -23.34 17.95 -26.41
N ILE A 96 -23.28 19.05 -27.16
CA ILE A 96 -22.16 19.99 -27.01
C ILE A 96 -22.18 20.62 -25.63
N GLU A 97 -23.36 21.03 -25.16
CA GLU A 97 -23.46 21.65 -23.84
C GLU A 97 -23.06 20.67 -22.74
N PHE A 98 -23.51 19.40 -22.83
CA PHE A 98 -23.09 18.38 -21.87
C PHE A 98 -21.58 18.19 -21.88
N THR A 99 -20.99 18.16 -23.08
CA THR A 99 -19.53 18.00 -23.16
C THR A 99 -18.82 19.17 -22.49
N LYS A 100 -19.30 20.40 -22.76
CA LYS A 100 -18.68 21.59 -22.17
C LYS A 100 -18.75 21.58 -20.65
N LEU A 101 -19.88 21.16 -20.09
CA LEU A 101 -20.02 21.09 -18.64
C LEU A 101 -18.95 20.18 -18.03
N ASN A 102 -18.65 19.08 -18.71
CA ASN A 102 -17.80 18.02 -18.18
C ASN A 102 -16.36 18.11 -18.66
N TYR A 103 -16.06 19.09 -19.51
CA TYR A 103 -14.84 19.12 -20.32
C TYR A 103 -13.57 19.07 -19.48
N GLU A 104 -13.57 19.72 -18.33
CA GLU A 104 -12.35 19.83 -17.54
C GLU A 104 -12.15 18.67 -16.57
N LYS A 105 -13.11 17.76 -16.47
CA LYS A 105 -12.99 16.65 -15.54
C LYS A 105 -11.96 15.64 -16.05
N PRO A 106 -11.17 15.05 -15.16
CA PRO A 106 -10.18 14.08 -15.60
C PRO A 106 -10.76 12.92 -16.39
N ILE A 107 -12.00 12.50 -16.12
CA ILE A 107 -12.54 11.40 -16.88
C ILE A 107 -12.88 11.79 -18.32
N TYR A 108 -12.87 13.09 -18.64
CA TYR A 108 -13.08 13.57 -20.00
C TYR A 108 -11.76 13.89 -20.70
N ARG A 109 -10.63 13.44 -20.14
CA ARG A 109 -9.33 13.76 -20.71
C ARG A 109 -9.05 12.81 -21.87
N PHE A 110 -9.66 13.15 -23.01
CA PHE A 110 -9.40 12.49 -24.29
C PHE A 110 -8.96 13.56 -25.28
N GLU A 111 -7.82 13.34 -25.95
CA GLU A 111 -7.36 14.32 -26.93
C GLU A 111 -8.45 14.60 -27.97
N ARG A 112 -9.20 13.58 -28.36
CA ARG A 112 -10.21 13.76 -29.39
C ARG A 112 -11.30 14.73 -28.94
N ILE A 113 -11.64 14.73 -27.66
CA ILE A 113 -12.65 15.68 -27.18
C ILE A 113 -12.14 17.10 -27.32
N ARG A 114 -10.85 17.33 -27.02
CA ARG A 114 -10.29 18.67 -27.22
C ARG A 114 -10.34 19.06 -28.68
N GLU A 115 -10.04 18.12 -29.59
CA GLU A 115 -10.13 18.41 -31.02
C GLU A 115 -11.55 18.76 -31.41
N LEU A 116 -12.53 17.98 -30.94
CA LEU A 116 -13.91 18.20 -31.36
C LEU A 116 -14.45 19.54 -30.86
N MET A 117 -14.12 19.91 -29.62
CA MET A 117 -14.65 21.17 -29.08
C MET A 117 -13.97 22.39 -29.68
N ASN A 118 -12.88 22.22 -30.42
CA ASN A 118 -12.20 23.32 -31.11
C ASN A 118 -12.65 23.47 -32.54
N LYS A 119 -13.60 22.66 -32.99
CA LYS A 119 -14.01 22.65 -34.38
C LYS A 119 -15.26 23.50 -34.56
N GLU A 120 -15.31 24.26 -35.65
CA GLU A 120 -16.43 25.16 -35.88
C GLU A 120 -17.71 24.37 -36.14
N LYS A 121 -17.63 23.28 -36.89
CA LYS A 121 -18.77 22.45 -37.23
C LYS A 121 -18.33 21.00 -37.22
N LEU A 122 -19.24 20.12 -36.80
CA LEU A 122 -18.95 18.69 -36.69
C LEU A 122 -19.70 17.93 -37.77
N ASN A 123 -18.99 17.07 -38.49
CA ASN A 123 -19.64 16.19 -39.46
C ASN A 123 -20.09 14.91 -38.74
N ARG A 124 -20.59 13.94 -39.51
CA ARG A 124 -21.16 12.75 -38.91
C ARG A 124 -20.14 11.94 -38.12
N GLU A 125 -18.93 11.74 -38.69
CA GLU A 125 -17.91 10.98 -37.95
C GLU A 125 -17.50 11.70 -36.67
N GLU A 126 -17.39 13.02 -36.75
CA GLU A 126 -17.01 13.79 -35.58
C GLU A 126 -18.09 13.73 -34.51
N LEU A 127 -19.37 13.78 -34.90
CA LEU A 127 -20.45 13.63 -33.93
C LEU A 127 -20.48 12.23 -33.34
N LEU A 128 -20.23 11.19 -34.15
CA LEU A 128 -20.16 9.85 -33.59
C LEU A 128 -19.09 9.76 -32.52
N ASP A 129 -17.94 10.40 -32.75
CA ASP A 129 -16.90 10.42 -31.72
C ASP A 129 -17.35 11.18 -30.48
N LEU A 130 -18.05 12.31 -30.67
CA LEU A 130 -18.53 13.07 -29.51
C LEU A 130 -19.51 12.25 -28.69
N GLN A 131 -20.42 11.55 -29.37
CA GLN A 131 -21.39 10.69 -28.67
C GLN A 131 -20.68 9.58 -27.93
N THR A 132 -19.80 8.86 -28.61
CA THR A 132 -19.20 7.68 -28.03
C THR A 132 -18.21 8.05 -26.93
N LEU A 133 -17.48 9.16 -27.10
CA LEU A 133 -16.56 9.59 -26.05
C LEU A 133 -17.30 10.11 -24.82
N ASN A 134 -18.49 10.70 -24.99
CA ASN A 134 -19.27 11.04 -23.80
C ASN A 134 -19.68 9.77 -23.07
N LEU A 135 -20.06 8.73 -23.81
CA LEU A 135 -20.36 7.44 -23.18
C LEU A 135 -19.14 6.89 -22.44
N LEU A 136 -18.00 6.82 -23.12
CA LEU A 136 -16.84 6.16 -22.55
C LEU A 136 -16.23 6.96 -21.41
N ALA A 137 -16.43 8.27 -21.38
CA ALA A 137 -15.92 9.06 -20.26
C ALA A 137 -16.49 8.59 -18.92
N TRP A 138 -17.69 8.01 -18.94
CA TRP A 138 -18.34 7.53 -17.73
C TRP A 138 -18.16 6.03 -17.53
N CYS A 139 -17.18 5.43 -18.21
CA CYS A 139 -16.98 3.99 -18.08
C CYS A 139 -16.53 3.64 -16.67
N GLY A 140 -17.16 2.64 -16.09
CA GLY A 140 -16.76 2.15 -14.78
C GLY A 140 -15.56 1.22 -14.83
N ARG A 141 -15.12 0.84 -13.62
CA ARG A 141 -13.89 0.07 -13.46
C ARG A 141 -13.96 -1.26 -14.20
N THR A 142 -15.08 -1.96 -14.07
CA THR A 142 -15.22 -3.29 -14.66
C THR A 142 -15.04 -3.23 -16.16
N LEU A 143 -15.77 -2.33 -16.81
CA LEU A 143 -15.71 -2.23 -18.26
C LEU A 143 -14.49 -1.48 -18.76
N ARG A 144 -13.81 -0.70 -17.90
CA ARG A 144 -12.55 -0.13 -18.36
C ARG A 144 -11.55 -1.24 -18.67
N LYS A 145 -11.69 -2.39 -18.01
CA LYS A 145 -10.88 -3.55 -18.34
C LYS A 145 -11.43 -4.23 -19.59
N ASP A 146 -12.73 -4.51 -19.60
CA ASP A 146 -13.32 -5.31 -20.67
C ASP A 146 -13.29 -4.57 -22.00
N LEU A 147 -13.47 -3.25 -21.98
CA LEU A 147 -13.52 -2.41 -23.17
C LEU A 147 -12.21 -1.64 -23.41
N LYS A 148 -11.10 -2.12 -22.87
CA LYS A 148 -9.87 -1.33 -22.90
C LYS A 148 -9.45 -0.97 -24.32
N ASP A 149 -9.65 -1.87 -25.28
CA ASP A 149 -9.20 -1.58 -26.65
C ASP A 149 -10.00 -0.45 -27.26
N LEU A 150 -11.32 -0.43 -27.05
CA LEU A 150 -12.12 0.66 -27.57
C LEU A 150 -11.79 1.97 -26.87
N LEU A 151 -11.50 1.91 -25.57
CA LEU A 151 -11.12 3.11 -24.83
C LEU A 151 -9.84 3.70 -25.37
N ASN A 152 -8.86 2.84 -25.70
CA ASN A 152 -7.57 3.29 -26.19
C ASN A 152 -7.61 3.80 -27.62
N LYS A 153 -8.62 3.41 -28.39
CA LYS A 153 -8.85 4.04 -29.69
C LYS A 153 -8.88 5.55 -29.52
N GLY A 154 -9.76 6.02 -28.64
CA GLY A 154 -9.93 7.43 -28.32
C GLY A 154 -10.54 8.26 -29.42
N ARG A 155 -10.87 7.66 -30.57
CA ARG A 155 -11.36 8.38 -31.73
C ARG A 155 -11.86 7.37 -32.75
N ASN A 156 -12.49 7.89 -33.82
CA ASN A 156 -12.86 7.11 -35.00
C ASN A 156 -13.85 5.98 -34.67
N TYR A 157 -14.85 6.29 -33.86
CA TYR A 157 -15.81 5.27 -33.44
C TYR A 157 -16.90 5.10 -34.49
N THR A 158 -17.42 3.88 -34.58
CA THR A 158 -18.53 3.58 -35.46
C THR A 158 -19.81 3.42 -34.64
N GLN A 159 -20.94 3.49 -35.34
CA GLN A 159 -22.23 3.26 -34.68
C GLN A 159 -22.28 1.89 -34.01
N GLU A 160 -21.72 0.88 -34.68
CA GLU A 160 -21.71 -0.47 -34.11
C GLU A 160 -20.91 -0.49 -32.80
N GLU A 161 -19.76 0.18 -32.77
CA GLU A 161 -18.99 0.22 -31.54
C GLU A 161 -19.72 0.96 -30.44
N LYS A 162 -20.36 2.09 -30.79
CA LYS A 162 -21.16 2.83 -29.81
C LYS A 162 -22.26 1.95 -29.23
N GLU A 163 -22.97 1.23 -30.11
CA GLU A 163 -24.05 0.38 -29.65
C GLU A 163 -23.52 -0.77 -28.79
N TYR A 164 -22.34 -1.28 -29.12
CA TYR A 164 -21.73 -2.31 -28.28
C TYR A 164 -21.49 -1.80 -26.87
N VAL A 165 -20.88 -0.61 -26.76
CA VAL A 165 -20.67 -0.01 -25.44
C VAL A 165 -21.99 0.18 -24.70
N LEU A 166 -23.01 0.70 -25.38
CA LEU A 166 -24.31 0.90 -24.76
C LEU A 166 -24.87 -0.42 -24.24
N ASN A 167 -24.72 -1.48 -25.02
CA ASN A 167 -25.24 -2.78 -24.58
C ASN A 167 -24.50 -3.28 -23.35
N LYS A 168 -23.19 -3.08 -23.31
CA LYS A 168 -22.43 -3.50 -22.13
C LYS A 168 -22.81 -2.65 -20.92
N TYR A 169 -23.07 -1.37 -21.15
CA TYR A 169 -23.46 -0.49 -20.04
C TYR A 169 -24.78 -0.94 -19.44
N PHE A 170 -25.76 -1.31 -20.28
CA PHE A 170 -27.04 -1.77 -19.75
C PHE A 170 -26.91 -3.12 -19.05
N GLU A 171 -26.00 -3.97 -19.51
CA GLU A 171 -25.68 -5.19 -18.77
C GLU A 171 -25.25 -4.86 -17.34
N ILE A 172 -24.38 -3.85 -17.18
CA ILE A 172 -23.93 -3.43 -15.85
C ILE A 172 -25.13 -2.99 -15.01
N ILE A 173 -26.01 -2.17 -15.60
CA ILE A 173 -27.18 -1.70 -14.85
C ILE A 173 -28.03 -2.88 -14.42
N LYS A 174 -28.21 -3.86 -15.31
CA LYS A 174 -29.09 -4.99 -15.01
C LYS A 174 -28.54 -5.85 -13.88
N LYS A 175 -27.23 -5.84 -13.65
CA LYS A 175 -26.60 -6.63 -12.60
C LYS A 175 -26.44 -5.85 -11.31
N THR A 176 -26.90 -4.60 -11.26
CA THR A 176 -26.53 -3.74 -10.14
C THR A 176 -27.25 -4.14 -8.84
N LEU A 177 -28.58 -4.26 -8.86
CA LEU A 177 -29.23 -4.67 -7.61
C LEU A 177 -28.76 -6.05 -7.18
N SER A 178 -28.41 -6.92 -8.13
CA SER A 178 -27.91 -8.24 -7.76
C SER A 178 -26.59 -8.16 -7.00
N ILE A 179 -25.71 -7.23 -7.38
CA ILE A 179 -24.44 -7.21 -6.66
C ILE A 179 -24.64 -6.73 -5.23
N TYR A 180 -25.57 -5.81 -4.99
CA TYR A 180 -25.87 -5.42 -3.61
C TYR A 180 -26.44 -6.58 -2.81
N ARG A 181 -27.35 -7.37 -3.40
CA ARG A 181 -27.82 -8.55 -2.69
C ARG A 181 -26.67 -9.48 -2.37
N GLU A 182 -25.75 -9.66 -3.33
CA GLU A 182 -24.69 -10.63 -3.17
C GLU A 182 -23.73 -10.20 -2.06
N ILE A 183 -23.30 -8.93 -2.08
CA ILE A 183 -22.33 -8.54 -1.07
C ILE A 183 -22.98 -8.51 0.31
N LYS A 184 -24.28 -8.22 0.36
CA LYS A 184 -25.00 -8.31 1.63
C LYS A 184 -25.10 -9.76 2.11
N GLU A 185 -25.54 -10.66 1.23
CA GLU A 185 -25.71 -12.05 1.64
C GLU A 185 -24.38 -12.67 2.03
N GLU A 186 -23.29 -12.28 1.37
CA GLU A 186 -21.99 -12.86 1.66
C GLU A 186 -21.32 -12.20 2.85
N GLY A 187 -21.98 -11.24 3.49
CA GLY A 187 -21.38 -10.58 4.64
C GLY A 187 -20.22 -9.68 4.30
N LYS A 188 -20.10 -9.26 3.05
CA LYS A 188 -19.03 -8.34 2.68
C LYS A 188 -19.37 -6.88 2.95
N GLY A 189 -20.65 -6.59 3.18
CA GLY A 189 -21.08 -5.25 3.49
C GLY A 189 -22.53 -5.27 3.94
N SER A 190 -22.90 -4.22 4.67
CA SER A 190 -24.29 -3.98 4.97
C SER A 190 -24.85 -2.98 3.97
N VAL A 191 -26.15 -3.04 3.74
CA VAL A 191 -26.85 -2.10 2.88
C VAL A 191 -27.93 -1.42 3.70
N SER A 192 -27.94 -0.10 3.67
CA SER A 192 -28.93 0.70 4.37
C SER A 192 -29.79 1.40 3.32
N THR A 193 -30.82 2.10 3.80
CA THR A 193 -31.57 3.01 2.92
C THR A 193 -31.85 4.31 3.68
N SER A 194 -32.48 5.25 3.00
CA SER A 194 -32.85 6.56 3.52
C SER A 194 -34.35 6.72 3.38
N PRO A 195 -34.97 7.62 4.15
CA PRO A 195 -36.37 7.99 3.86
C PRO A 195 -36.52 8.34 2.38
N TYR A 196 -37.69 7.99 1.84
CA TYR A 196 -37.82 7.58 0.43
C TYR A 196 -37.19 8.55 -0.57
N TYR A 197 -37.59 9.82 -0.52
CA TYR A 197 -37.13 10.79 -1.52
C TYR A 197 -36.03 11.70 -0.97
N HIS A 198 -35.27 11.21 0.03
CA HIS A 198 -34.13 11.94 0.57
C HIS A 198 -34.55 13.34 1.05
N PRO A 199 -35.61 13.47 1.85
CA PRO A 199 -36.00 14.77 2.41
C PRO A 199 -35.18 15.13 3.65
N LEU A 200 -35.33 16.40 4.08
CA LEU A 200 -34.79 16.85 5.37
C LEU A 200 -35.82 16.54 6.46
N ILE A 201 -35.71 15.34 7.05
CA ILE A 201 -36.69 14.91 8.05
C ILE A 201 -36.82 15.91 9.19
N PRO A 202 -35.75 16.48 9.76
CA PRO A 202 -35.96 17.40 10.90
C PRO A 202 -36.85 18.58 10.58
N ILE A 203 -36.74 19.12 9.36
CA ILE A 203 -37.56 20.26 8.94
C ILE A 203 -39.00 19.83 8.77
N LEU A 204 -39.21 18.68 8.11
CA LEU A 204 -40.58 18.17 7.98
C LEU A 204 -41.25 17.99 9.34
N LEU A 205 -40.51 17.50 10.34
CA LEU A 205 -41.11 17.30 11.65
C LEU A 205 -41.31 18.62 12.39
N ASN A 206 -40.38 19.54 12.23
CA ASN A 206 -40.45 20.78 13.01
C ASN A 206 -39.57 21.82 12.32
N PRO A 207 -40.15 22.66 11.47
CA PRO A 207 -39.34 23.65 10.76
C PRO A 207 -38.57 24.59 11.67
N ASN A 208 -39.02 24.78 12.92
CA ASN A 208 -38.32 25.68 13.82
C ASN A 208 -37.01 25.12 14.32
N CYS A 209 -36.69 23.86 14.00
CA CYS A 209 -35.41 23.32 14.42
C CYS A 209 -34.23 24.02 13.75
N VAL A 210 -34.47 24.77 12.67
CA VAL A 210 -33.37 25.52 12.04
C VAL A 210 -32.82 26.56 13.01
N TYR A 211 -33.65 27.05 13.93
CA TYR A 211 -33.17 28.07 14.85
C TYR A 211 -32.28 27.53 15.94
N GLU A 212 -32.10 26.21 16.01
CA GLU A 212 -31.13 25.70 16.96
C GLU A 212 -29.70 26.06 16.57
N THR A 213 -29.44 26.35 15.29
CA THR A 213 -28.10 26.69 14.85
C THR A 213 -27.98 28.05 14.17
N THR A 214 -29.02 28.52 13.48
CA THR A 214 -28.97 29.78 12.77
C THR A 214 -30.16 30.62 13.22
N PRO A 215 -30.03 31.34 14.33
CA PRO A 215 -31.18 32.09 14.87
C PRO A 215 -31.66 33.20 13.96
N ASN A 216 -30.81 33.71 13.07
CA ASN A 216 -31.14 34.88 12.27
C ASN A 216 -31.79 34.54 10.95
N VAL A 217 -31.94 33.25 10.63
CA VAL A 217 -32.45 32.86 9.33
C VAL A 217 -33.93 33.22 9.23
N LYS A 218 -34.36 33.64 8.04
CA LYS A 218 -35.77 33.84 7.74
C LYS A 218 -36.32 32.58 7.09
N ILE A 219 -37.46 32.10 7.57
CA ILE A 219 -38.13 31.00 6.88
C ILE A 219 -39.58 31.39 6.62
N PRO A 220 -40.21 30.74 5.66
CA PRO A 220 -41.63 31.02 5.39
C PRO A 220 -42.59 30.52 6.45
N ASP A 221 -43.85 30.85 6.24
CA ASP A 221 -44.93 30.52 7.17
C ASP A 221 -45.33 29.07 6.93
N PHE A 222 -44.95 28.16 7.83
CA PHE A 222 -45.28 26.74 7.65
C PHE A 222 -46.71 26.49 8.12
N ALA A 223 -47.67 26.88 7.27
CA ALA A 223 -49.09 26.85 7.60
C ALA A 223 -49.72 25.46 7.44
N VAL A 224 -48.92 24.45 7.14
CA VAL A 224 -49.37 23.07 6.99
C VAL A 224 -48.37 22.18 7.71
N SER A 225 -48.82 20.99 8.14
CA SER A 225 -47.97 20.04 8.85
C SER A 225 -47.39 19.02 7.86
N PHE A 226 -46.08 18.81 7.93
CA PHE A 226 -45.38 17.78 7.17
C PHE A 226 -45.00 16.58 8.04
N ARG A 227 -45.53 16.51 9.25
CA ARG A 227 -45.12 15.44 10.16
C ARG A 227 -45.54 14.05 9.66
N GLU A 228 -46.75 13.92 9.13
CA GLU A 228 -47.15 12.62 8.62
C GLU A 228 -46.32 12.24 7.40
N ASP A 229 -46.02 13.21 6.54
CA ASP A 229 -45.18 12.92 5.39
C ASP A 229 -43.80 12.41 5.82
N ALA A 230 -43.22 13.00 6.86
CA ALA A 230 -41.95 12.50 7.37
C ALA A 230 -42.06 11.01 7.68
N SER A 231 -43.13 10.63 8.37
CA SER A 231 -43.36 9.21 8.67
C SER A 231 -43.47 8.39 7.40
N LYS A 232 -44.21 8.89 6.41
CA LYS A 232 -44.40 8.16 5.16
C LYS A 232 -43.08 7.92 4.44
N HIS A 233 -42.21 8.94 4.38
CA HIS A 233 -40.91 8.73 3.75
C HIS A 233 -40.17 7.57 4.38
N VAL A 234 -40.21 7.48 5.71
CA VAL A 234 -39.51 6.40 6.40
C VAL A 234 -40.21 5.07 6.13
N GLU A 235 -41.54 5.05 6.25
CA GLU A 235 -42.27 3.79 6.10
C GLU A 235 -42.15 3.26 4.68
N LEU A 236 -42.30 4.13 3.69
CA LEU A 236 -42.21 3.66 2.31
C LEU A 236 -40.80 3.18 1.98
N ALA A 237 -39.78 3.80 2.56
CA ALA A 237 -38.41 3.34 2.36
C ALA A 237 -38.21 1.94 2.93
N LYS A 238 -38.77 1.68 4.11
CA LYS A 238 -38.72 0.33 4.65
C LYS A 238 -39.34 -0.69 3.69
N GLU A 239 -40.49 -0.33 3.07
CA GLU A 239 -41.15 -1.25 2.15
C GLU A 239 -40.32 -1.46 0.88
N LYS A 240 -39.72 -0.39 0.34
CA LYS A 240 -38.94 -0.56 -0.88
C LYS A 240 -37.72 -1.42 -0.63
N TYR A 241 -37.01 -1.14 0.46
CA TYR A 241 -35.82 -1.89 0.83
C TYR A 241 -36.15 -3.35 1.14
N PHE A 242 -37.41 -3.61 1.50
CA PHE A 242 -37.92 -4.98 1.78
C PHE A 242 -38.19 -5.69 0.46
N GLU A 243 -38.74 -4.99 -0.51
CA GLU A 243 -38.99 -5.57 -1.82
C GLU A 243 -37.69 -6.12 -2.44
N ILE A 244 -36.58 -5.45 -2.18
CA ILE A 244 -35.35 -5.66 -2.91
C ILE A 244 -34.44 -6.64 -2.18
N PHE A 245 -34.49 -6.61 -0.86
CA PHE A 245 -33.68 -7.49 -0.05
C PHE A 245 -34.36 -8.55 0.81
N GLY A 246 -35.66 -8.54 0.87
CA GLY A 246 -36.41 -9.49 1.64
C GLY A 246 -36.55 -9.28 3.12
N GLU A 247 -36.00 -8.19 3.62
CA GLU A 247 -36.09 -7.85 5.02
C GLU A 247 -36.22 -6.35 5.17
N HIS A 248 -36.69 -5.94 6.31
CA HIS A 248 -36.82 -4.53 6.58
C HIS A 248 -35.46 -4.04 7.00
N PRO A 249 -35.12 -2.81 6.65
CA PRO A 249 -33.81 -2.26 7.02
C PRO A 249 -33.76 -1.94 8.50
N VAL A 250 -32.62 -2.22 9.13
CA VAL A 250 -32.38 -1.79 10.49
C VAL A 250 -31.35 -0.68 10.57
N TYR A 251 -30.69 -0.34 9.46
CA TYR A 251 -29.80 0.80 9.39
C TYR A 251 -30.36 1.80 8.37
N MET A 252 -30.31 3.08 8.71
CA MET A 252 -30.64 4.11 7.75
C MET A 252 -29.59 5.21 7.77
N TRP A 253 -29.37 5.79 6.59
CA TRP A 253 -28.60 7.00 6.50
C TRP A 253 -29.55 8.18 6.47
N PRO A 254 -29.51 9.07 7.46
CA PRO A 254 -30.37 10.26 7.39
C PRO A 254 -29.87 11.20 6.32
N PRO A 255 -30.75 11.63 5.40
CA PRO A 255 -30.29 12.50 4.32
C PRO A 255 -29.58 13.72 4.85
N GLU A 256 -28.44 14.03 4.24
CA GLU A 256 -27.58 15.15 4.64
C GLU A 256 -27.09 15.00 6.07
N ALA A 257 -27.00 13.76 6.56
CA ALA A 257 -26.62 13.47 7.94
C ALA A 257 -27.57 14.14 8.93
N SER A 258 -28.77 14.55 8.48
CA SER A 258 -29.58 15.48 9.25
C SER A 258 -30.31 14.77 10.37
N VAL A 259 -30.10 15.22 11.60
CA VAL A 259 -30.80 14.68 12.75
C VAL A 259 -31.29 15.83 13.62
N SER A 260 -32.21 15.49 14.50
CA SER A 260 -32.77 16.33 15.55
C SER A 260 -33.34 15.35 16.57
N ASN A 261 -33.72 15.87 17.75
CA ASN A 261 -34.30 14.97 18.74
C ASN A 261 -35.57 14.33 18.21
N GLU A 262 -36.39 15.11 17.49
CA GLU A 262 -37.63 14.57 16.95
C GLU A 262 -37.36 13.55 15.86
N ALA A 263 -36.37 13.82 15.01
CA ALA A 263 -36.05 12.87 13.95
C ALA A 263 -35.52 11.56 14.52
N LEU A 264 -34.66 11.63 15.54
CA LEU A 264 -34.17 10.39 16.15
C LEU A 264 -35.31 9.60 16.77
N GLU A 265 -36.26 10.29 17.40
CA GLU A 265 -37.43 9.57 17.91
C GLU A 265 -38.19 8.88 16.77
N LEU A 266 -38.38 9.56 15.65
CA LEU A 266 -39.13 8.95 14.55
C LEU A 266 -38.42 7.71 14.01
N TYR A 267 -37.10 7.79 13.81
CA TYR A 267 -36.37 6.62 13.36
C TYR A 267 -36.49 5.47 14.36
N TYR A 268 -36.40 5.79 15.65
CA TYR A 268 -36.59 4.77 16.68
C TYR A 268 -37.99 4.16 16.59
N GLU A 269 -39.01 5.00 16.46
CA GLU A 269 -40.38 4.51 16.39
C GLU A 269 -40.60 3.63 15.17
N LYS A 270 -39.87 3.86 14.06
CA LYS A 270 -40.03 3.04 12.87
C LYS A 270 -39.08 1.84 12.85
N GLY A 271 -38.46 1.53 13.99
CA GLY A 271 -37.71 0.29 14.11
C GLY A 271 -36.29 0.34 13.59
N ILE A 272 -35.73 1.54 13.40
CA ILE A 272 -34.36 1.68 12.95
C ILE A 272 -33.44 1.55 14.15
N ASN A 273 -32.43 0.68 14.04
CA ASN A 273 -31.57 0.36 15.17
C ASN A 273 -30.32 1.21 15.21
N MET A 274 -29.85 1.71 14.07
N MET A 274 -29.83 1.68 14.06
CA MET A 274 -28.62 2.48 14.02
CA MET A 274 -28.62 2.48 14.02
C MET A 274 -28.64 3.43 12.84
C MET A 274 -28.67 3.45 12.85
N LEU A 275 -28.10 4.64 13.06
CA LEU A 275 -27.85 5.56 11.98
C LEU A 275 -26.50 6.20 12.25
N ALA A 276 -26.06 7.02 11.32
CA ALA A 276 -24.88 7.83 11.52
C ALA A 276 -25.21 9.26 11.18
N THR A 277 -24.41 10.16 11.72
CA THR A 277 -24.57 11.57 11.40
C THR A 277 -23.18 12.19 11.40
N ASP A 278 -23.08 13.52 11.53
CA ASP A 278 -21.83 14.22 11.30
C ASP A 278 -21.16 14.65 12.60
N GLU A 279 -19.82 14.73 12.56
CA GLU A 279 -19.04 15.15 13.70
C GLU A 279 -19.39 16.56 14.18
N VAL A 280 -19.80 17.45 13.27
CA VAL A 280 -20.13 18.81 13.69
C VAL A 280 -21.34 18.79 14.60
N ILE A 281 -22.29 17.88 14.32
CA ILE A 281 -23.47 17.78 15.16
C ILE A 281 -23.08 17.29 16.55
N LEU A 282 -22.16 16.32 16.63
CA LEU A 282 -21.61 15.90 17.92
C LEU A 282 -21.01 17.09 18.66
N LYS A 283 -20.13 17.84 18.00
CA LYS A 283 -19.49 18.96 18.69
C LYS A 283 -20.51 20.00 19.14
N ASN A 284 -21.59 20.18 18.38
CA ASN A 284 -22.63 21.14 18.75
C ASN A 284 -23.53 20.66 19.88
N SER A 285 -23.57 19.35 20.13
CA SER A 285 -24.52 18.76 21.06
C SER A 285 -23.93 18.38 22.41
N VAL A 286 -22.63 18.09 22.47
CA VAL A 286 -21.99 17.59 23.67
C VAL A 286 -20.71 18.39 23.86
N GLU A 287 -20.47 18.86 25.08
CA GLU A 287 -19.29 19.69 25.35
C GLU A 287 -18.02 18.96 24.96
N ARG A 288 -17.84 17.74 25.45
CA ARG A 288 -16.63 16.98 25.19
C ARG A 288 -17.04 15.58 24.76
N ALA A 289 -16.75 15.21 23.51
CA ALA A 289 -17.15 13.91 23.03
C ALA A 289 -16.24 13.48 21.90
N SER A 290 -15.85 12.21 21.94
CA SER A 290 -15.03 11.66 20.87
C SER A 290 -15.90 10.96 19.83
N PRO A 291 -15.60 11.10 18.54
CA PRO A 291 -16.37 10.40 17.50
C PRO A 291 -16.01 8.93 17.35
N TYR A 292 -15.16 8.37 18.20
CA TYR A 292 -14.72 6.98 18.03
C TYR A 292 -15.49 6.02 18.93
N LEU A 293 -16.56 6.49 19.56
CA LEU A 293 -17.43 5.68 20.39
C LEU A 293 -18.73 5.35 19.66
N ARG A 294 -19.39 4.28 20.12
CA ARG A 294 -20.78 4.04 19.74
C ARG A 294 -21.68 4.80 20.71
N TYR A 295 -22.54 5.66 20.18
CA TYR A 295 -23.43 6.44 21.04
C TYR A 295 -24.81 5.82 21.06
N TYR A 296 -25.49 5.96 22.20
CA TYR A 296 -26.88 5.53 22.35
C TYR A 296 -27.70 6.78 22.65
N PHE A 297 -28.57 7.14 21.72
CA PHE A 297 -29.44 8.30 21.94
C PHE A 297 -30.61 7.85 22.80
N ARG A 298 -30.63 8.32 24.06
CA ARG A 298 -31.69 8.02 25.03
C ARG A 298 -31.92 6.52 25.22
N GLU A 299 -30.90 5.70 24.94
CA GLU A 299 -31.00 4.24 24.96
C GLU A 299 -32.07 3.72 23.99
N LEU A 300 -32.41 4.51 22.98
CA LEU A 300 -33.42 4.12 22.00
C LEU A 300 -32.83 3.65 20.69
N ILE A 301 -31.79 4.33 20.22
CA ILE A 301 -31.23 4.07 18.90
C ILE A 301 -29.72 4.34 18.96
N SER A 302 -28.94 3.53 18.25
CA SER A 302 -27.50 3.71 18.18
C SER A 302 -27.13 4.73 17.12
N VAL A 303 -26.14 5.57 17.44
CA VAL A 303 -25.69 6.65 16.56
C VAL A 303 -24.17 6.59 16.50
N PHE A 304 -23.61 6.62 15.29
CA PHE A 304 -22.20 6.88 15.13
C PHE A 304 -22.04 8.23 14.46
N PHE A 305 -21.00 8.94 14.83
CA PHE A 305 -20.68 10.24 14.24
C PHE A 305 -19.45 10.04 13.36
N ARG A 306 -19.57 10.38 12.09
CA ARG A 306 -18.48 10.12 11.16
C ARG A 306 -17.26 10.98 11.49
N ASP A 307 -16.10 10.45 11.15
CA ASP A 307 -14.86 11.24 11.14
C ASP A 307 -14.96 12.19 9.95
N LYS A 308 -15.29 13.45 10.23
CA LYS A 308 -15.48 14.42 9.16
C LYS A 308 -14.19 14.63 8.35
N THR A 309 -13.05 14.74 9.03
CA THR A 309 -11.78 14.98 8.33
C THR A 309 -11.48 13.88 7.34
N LEU A 310 -11.54 12.62 7.80
CA LEU A 310 -11.25 11.52 6.88
C LEU A 310 -12.24 11.46 5.75
N SER A 311 -13.52 11.69 6.05
CA SER A 311 -14.55 11.61 5.02
C SER A 311 -14.34 12.70 3.99
N ASP A 312 -14.01 13.91 4.45
CA ASP A 312 -13.77 15.01 3.53
C ASP A 312 -12.48 14.85 2.74
N LEU A 313 -11.46 14.21 3.31
CA LEU A 313 -10.23 13.98 2.54
C LEU A 313 -10.54 13.20 1.27
N ILE A 314 -11.33 12.12 1.40
CA ILE A 314 -11.67 11.33 0.23
C ILE A 314 -12.61 12.11 -0.67
N GLY A 315 -13.64 12.71 -0.08
CA GLY A 315 -14.68 13.31 -0.89
C GLY A 315 -14.28 14.60 -1.57
N PHE A 316 -13.31 15.33 -1.02
CA PHE A 316 -12.97 16.64 -1.55
C PHE A 316 -11.49 16.90 -1.77
N SER A 317 -10.59 16.21 -1.09
CA SER A 317 -9.18 16.55 -1.14
C SER A 317 -8.35 15.67 -2.08
N TYR A 318 -8.45 14.35 -1.95
CA TYR A 318 -7.45 13.47 -2.56
C TYR A 318 -7.50 13.42 -4.09
N HIS A 319 -8.57 13.91 -4.73
CA HIS A 319 -8.52 14.07 -6.17
C HIS A 319 -7.33 14.91 -6.61
N ALA A 320 -6.90 15.86 -5.77
CA ALA A 320 -5.81 16.76 -6.08
C ALA A 320 -4.45 16.18 -5.69
N TRP A 321 -4.40 14.94 -5.21
CA TRP A 321 -3.18 14.27 -4.80
C TRP A 321 -2.83 13.13 -5.74
N ASN A 322 -1.54 12.83 -5.80
CA ASN A 322 -1.06 11.56 -6.31
C ASN A 322 -1.64 10.42 -5.47
N ALA A 323 -1.97 9.30 -6.13
CA ALA A 323 -2.74 8.27 -5.45
C ALA A 323 -1.96 7.60 -4.32
N GLU A 324 -0.67 7.30 -4.56
CA GLU A 324 0.15 6.70 -3.50
C GLU A 324 0.26 7.61 -2.29
N ASP A 325 0.49 8.91 -2.52
CA ASP A 325 0.62 9.87 -1.42
C ASP A 325 -0.66 9.98 -0.62
N ALA A 326 -1.80 9.98 -1.30
CA ALA A 326 -3.08 10.07 -0.62
C ALA A 326 -3.32 8.87 0.28
N VAL A 327 -3.00 7.67 -0.20
CA VAL A 327 -3.18 6.48 0.63
C VAL A 327 -2.23 6.50 1.83
N ARG A 328 -0.98 6.93 1.60
CA ARG A 328 -0.04 7.08 2.71
C ARG A 328 -0.56 8.06 3.77
N ASP A 329 -1.13 9.18 3.31
CA ASP A 329 -1.71 10.16 4.23
C ASP A 329 -2.85 9.57 5.04
N PHE A 330 -3.77 8.89 4.35
CA PHE A 330 -4.95 8.32 5.00
C PHE A 330 -4.55 7.26 6.01
N ILE A 331 -3.70 6.31 5.60
CA ILE A 331 -3.22 5.29 6.53
C ILE A 331 -2.48 5.93 7.70
N GLY A 332 -1.66 6.96 7.42
CA GLY A 332 -0.94 7.61 8.49
C GLY A 332 -1.85 8.28 9.48
N ARG A 333 -2.99 8.80 9.02
CA ARG A 333 -3.95 9.39 9.93
C ARG A 333 -4.62 8.31 10.78
N LEU A 334 -4.93 7.16 10.17
CA LEU A 334 -5.46 6.05 10.93
C LEU A 334 -4.47 5.57 11.98
N LYS A 335 -3.19 5.52 11.62
CA LYS A 335 -2.17 5.13 12.60
C LYS A 335 -2.16 6.05 13.81
N LYS A 336 -2.34 7.36 13.58
CA LYS A 336 -2.32 8.30 14.70
C LYS A 336 -3.54 8.12 15.60
N ILE A 337 -4.72 7.92 15.00
CA ILE A 337 -5.91 7.58 15.78
C ILE A 337 -5.65 6.33 16.60
N HIS A 338 -5.17 5.27 15.93
CA HIS A 338 -4.84 4.01 16.58
C HIS A 338 -3.92 4.21 17.80
N GLU A 339 -2.91 5.06 17.66
CA GLU A 339 -1.96 5.25 18.75
C GLU A 339 -2.44 6.23 19.81
N SER A 340 -3.52 6.97 19.53
CA SER A 340 -3.92 8.06 20.42
C SER A 340 -4.84 7.62 21.55
N VAL A 341 -5.36 6.40 21.52
CA VAL A 341 -6.25 5.91 22.57
C VAL A 341 -5.85 4.48 22.89
N ASP A 342 -6.11 4.06 24.13
CA ASP A 342 -5.81 2.69 24.51
C ASP A 342 -7.02 1.76 24.39
N PHE A 343 -8.15 2.27 23.90
CA PHE A 343 -9.26 1.39 23.54
C PHE A 343 -9.28 1.25 22.01
N GLN A 344 -10.25 0.47 21.51
CA GLN A 344 -10.35 0.24 20.09
C GLN A 344 -11.32 1.24 19.50
N PRO A 345 -10.86 2.23 18.78
CA PRO A 345 -11.75 3.25 18.22
C PRO A 345 -12.54 2.74 17.02
N VAL A 346 -13.74 3.28 16.86
CA VAL A 346 -14.57 2.99 15.69
C VAL A 346 -14.58 4.25 14.81
N VAL A 347 -14.10 4.10 13.58
CA VAL A 347 -13.84 5.24 12.71
C VAL A 347 -14.79 5.13 11.51
N PHE A 348 -15.83 5.96 11.49
CA PHE A 348 -16.81 5.96 10.41
C PHE A 348 -16.39 6.94 9.33
N VAL A 349 -16.25 6.45 8.11
CA VAL A 349 -15.93 7.26 6.94
C VAL A 349 -17.18 7.22 6.07
N VAL A 350 -17.93 8.31 6.05
CA VAL A 350 -19.26 8.32 5.43
C VAL A 350 -19.31 9.49 4.47
N LEU A 351 -19.62 9.22 3.20
CA LEU A 351 -19.71 10.29 2.23
C LEU A 351 -20.47 9.74 1.02
N ASN A 352 -20.73 10.61 0.07
CA ASN A 352 -21.39 10.19 -1.15
C ASN A 352 -20.43 9.23 -1.88
N GLY A 353 -21.01 8.17 -2.44
CA GLY A 353 -20.22 7.13 -3.08
C GLY A 353 -20.00 7.27 -4.56
N GLU A 354 -20.52 8.34 -5.20
CA GLU A 354 -20.50 8.38 -6.66
C GLU A 354 -20.07 9.72 -7.25
N ASN A 355 -19.83 10.75 -6.44
CA ASN A 355 -19.64 12.09 -6.97
C ASN A 355 -18.18 12.52 -7.01
N CYS A 356 -17.32 11.93 -6.18
CA CYS A 356 -15.95 12.44 -6.13
C CYS A 356 -15.03 11.86 -7.20
N TRP A 357 -15.34 10.66 -7.70
CA TRP A 357 -14.36 9.92 -8.50
C TRP A 357 -14.09 10.56 -9.85
N GLU A 358 -15.08 11.25 -10.44
CA GLU A 358 -14.87 11.86 -11.75
C GLU A 358 -13.80 12.93 -11.72
N TYR A 359 -13.42 13.42 -10.54
CA TYR A 359 -12.36 14.41 -10.42
C TYR A 359 -11.01 13.78 -10.09
N TYR A 360 -10.96 12.48 -9.79
CA TYR A 360 -9.70 11.77 -9.61
C TYR A 360 -9.17 11.31 -10.96
N GLU A 361 -7.85 11.20 -11.05
CA GLU A 361 -7.25 10.58 -12.23
C GLU A 361 -7.79 9.16 -12.39
N GLU A 362 -8.12 8.81 -13.65
CA GLU A 362 -8.62 7.48 -13.99
C GLU A 362 -9.78 7.08 -13.09
N ASN A 363 -10.67 8.03 -12.84
CA ASN A 363 -11.95 7.77 -12.17
C ASN A 363 -11.77 7.20 -10.76
N GLY A 364 -10.68 7.60 -10.09
CA GLY A 364 -10.38 7.13 -8.74
C GLY A 364 -9.94 5.69 -8.61
N ILE A 365 -9.73 4.99 -9.73
CA ILE A 365 -9.44 3.57 -9.65
C ILE A 365 -8.05 3.35 -9.05
N PRO A 366 -7.00 4.05 -9.50
CA PRO A 366 -5.70 3.89 -8.82
C PRO A 366 -5.76 4.18 -7.33
N PHE A 367 -6.50 5.21 -6.92
CA PHE A 367 -6.63 5.53 -5.51
C PHE A 367 -7.31 4.39 -4.74
N LEU A 368 -8.49 3.98 -5.19
CA LEU A 368 -9.23 2.98 -4.44
C LEU A 368 -8.54 1.62 -4.46
N GLU A 369 -7.96 1.24 -5.60
CA GLU A 369 -7.25 -0.04 -5.64
C GLU A 369 -6.06 -0.02 -4.69
N LYS A 370 -5.33 1.10 -4.60
CA LYS A 370 -4.23 1.17 -3.64
C LYS A 370 -4.75 1.19 -2.22
N LEU A 371 -5.79 1.98 -1.97
CA LEU A 371 -6.36 2.08 -0.63
C LEU A 371 -6.82 0.73 -0.14
N TYR A 372 -7.64 0.05 -0.94
CA TYR A 372 -8.20 -1.23 -0.51
C TYR A 372 -7.13 -2.30 -0.41
N SER A 373 -6.18 -2.33 -1.36
CA SER A 373 -5.08 -3.28 -1.29
C SER A 373 -4.25 -3.07 -0.03
N THR A 374 -4.03 -1.82 0.35
CA THR A 374 -3.24 -1.52 1.53
C THR A 374 -4.02 -1.88 2.80
N LEU A 375 -5.29 -1.52 2.85
CA LEU A 375 -6.09 -1.77 4.05
C LEU A 375 -6.20 -3.26 4.34
N GLU A 376 -6.38 -4.09 3.31
CA GLU A 376 -6.58 -5.50 3.54
C GLU A 376 -5.33 -6.16 4.09
N LYS A 377 -4.18 -5.51 3.98
CA LYS A 377 -2.94 -6.06 4.49
C LYS A 377 -2.50 -5.47 5.81
N GLU A 378 -3.18 -4.44 6.32
CA GLU A 378 -2.82 -3.85 7.62
C GLU A 378 -3.44 -4.69 8.73
N GLU A 379 -2.61 -5.37 9.52
CA GLU A 379 -3.14 -6.29 10.53
C GLU A 379 -3.92 -5.57 11.61
N TRP A 380 -3.58 -4.33 11.89
CA TRP A 380 -4.15 -3.62 13.02
C TRP A 380 -5.41 -2.85 12.64
N ILE A 381 -5.80 -2.86 11.36
CA ILE A 381 -7.06 -2.28 10.91
C ILE A 381 -8.02 -3.43 10.62
N GLU A 382 -9.23 -3.36 11.15
CA GLU A 382 -10.28 -4.30 10.81
C GLU A 382 -11.46 -3.50 10.27
N THR A 383 -11.73 -3.63 8.97
CA THR A 383 -12.92 -2.99 8.43
C THR A 383 -14.15 -3.79 8.85
N LEU A 384 -15.25 -3.07 9.07
CA LEU A 384 -16.46 -3.69 9.60
C LEU A 384 -17.66 -3.40 8.70
N THR A 385 -18.59 -4.34 8.67
CA THR A 385 -19.93 -4.03 8.17
C THR A 385 -20.68 -3.19 9.20
N LEU A 386 -21.77 -2.56 8.77
CA LEU A 386 -22.60 -1.82 9.72
C LEU A 386 -23.10 -2.74 10.83
N GLU A 387 -23.44 -3.99 10.47
CA GLU A 387 -23.90 -4.92 11.49
C GLU A 387 -22.82 -5.19 12.52
N GLU A 388 -21.58 -5.40 12.06
CA GLU A 388 -20.49 -5.66 13.00
C GLU A 388 -20.21 -4.45 13.88
N ALA A 389 -20.29 -3.26 13.30
CA ALA A 389 -20.07 -2.04 14.06
C ALA A 389 -21.16 -1.85 15.10
N MET A 390 -22.40 -2.19 14.75
CA MET A 390 -23.52 -2.05 15.69
C MET A 390 -23.38 -2.99 16.86
N ARG A 391 -22.83 -4.19 16.64
CA ARG A 391 -22.82 -5.23 17.65
C ARG A 391 -21.47 -5.45 18.33
N LYS A 392 -20.40 -4.81 17.85
CA LYS A 392 -19.08 -5.02 18.42
C LYS A 392 -19.07 -4.78 19.92
N GLU A 393 -18.55 -5.75 20.67
CA GLU A 393 -18.57 -5.62 22.12
C GLU A 393 -17.36 -4.87 22.67
N ASP A 394 -16.20 -5.00 22.03
CA ASP A 394 -14.96 -4.47 22.59
C ASP A 394 -14.69 -3.04 22.12
N VAL A 395 -15.70 -2.17 22.26
CA VAL A 395 -15.60 -0.76 21.91
C VAL A 395 -16.10 0.07 23.08
N LYS A 396 -15.82 1.37 23.04
CA LYS A 396 -16.33 2.28 24.05
C LYS A 396 -17.68 2.84 23.62
N THR A 397 -18.56 3.09 24.60
CA THR A 397 -19.90 3.58 24.31
C THR A 397 -20.25 4.72 25.27
N GLU A 398 -21.28 5.48 24.87
CA GLU A 398 -21.73 6.61 25.67
C GLU A 398 -23.21 6.87 25.37
N VAL A 399 -23.95 7.26 26.40
CA VAL A 399 -25.35 7.65 26.23
C VAL A 399 -25.42 9.16 26.07
N ILE A 400 -26.20 9.61 25.08
CA ILE A 400 -26.48 11.03 24.94
C ILE A 400 -28.00 11.25 24.96
N GLU A 401 -28.41 12.41 25.47
CA GLU A 401 -29.81 12.71 25.70
C GLU A 401 -30.40 13.70 24.72
N SER A 402 -29.58 14.46 24.00
CA SER A 402 -30.07 15.56 23.19
C SER A 402 -29.05 15.87 22.11
N VAL A 403 -29.55 16.21 20.92
CA VAL A 403 -28.69 16.70 19.86
C VAL A 403 -29.20 18.04 19.40
N LYS A 404 -28.29 18.86 18.89
CA LYS A 404 -28.64 20.12 18.27
C LYS A 404 -28.88 19.86 16.79
N ALA A 405 -30.09 20.14 16.31
CA ALA A 405 -30.45 19.79 14.94
C ALA A 405 -29.50 20.39 13.91
N GLY A 406 -29.17 19.63 12.88
CA GLY A 406 -28.28 20.15 11.87
C GLY A 406 -28.12 19.16 10.74
N THR A 407 -27.14 19.46 9.87
CA THR A 407 -26.76 18.61 8.75
C THR A 407 -25.25 18.57 8.68
N TRP A 408 -24.72 17.77 7.76
CA TRP A 408 -23.28 17.78 7.58
C TRP A 408 -22.76 19.00 6.81
N PHE A 409 -23.64 19.90 6.36
CA PHE A 409 -23.18 21.16 5.78
C PHE A 409 -23.15 22.20 6.91
N ASP A 410 -21.97 22.39 7.50
CA ASP A 410 -21.74 23.39 8.55
C ASP A 410 -22.62 23.19 9.77
N GLY A 411 -23.15 21.99 9.96
CA GLY A 411 -24.07 21.73 11.05
C GLY A 411 -25.40 22.46 10.98
N ASN A 412 -25.79 23.00 9.83
CA ASN A 412 -27.01 23.80 9.77
C ASN A 412 -27.76 23.52 8.48
N PHE A 413 -28.88 24.23 8.28
CA PHE A 413 -29.80 23.96 7.18
C PHE A 413 -29.74 25.00 6.06
N LEU A 414 -28.73 25.86 6.05
CA LEU A 414 -28.72 27.00 5.12
C LEU A 414 -28.57 26.62 3.65
N LYS A 415 -28.14 25.39 3.35
CA LYS A 415 -28.09 25.01 1.95
C LYS A 415 -29.47 24.71 1.37
N TRP A 416 -30.50 24.62 2.21
CA TRP A 416 -31.83 24.26 1.73
C TRP A 416 -32.92 25.23 2.11
N ILE A 417 -32.63 26.22 2.95
CA ILE A 417 -33.65 27.15 3.43
C ILE A 417 -32.93 28.40 3.90
N GLY A 418 -33.60 29.54 3.82
CA GLY A 418 -33.11 30.77 4.43
C GLY A 418 -32.77 31.89 3.48
N ASN A 419 -32.69 31.66 2.18
CA ASN A 419 -32.58 32.81 1.30
C ASN A 419 -33.87 32.91 0.48
N LYS A 420 -33.99 34.04 -0.24
CA LYS A 420 -35.25 34.36 -0.91
C LYS A 420 -35.69 33.22 -1.83
N GLU A 421 -34.75 32.68 -2.62
CA GLU A 421 -35.12 31.71 -3.64
C GLU A 421 -35.43 30.36 -3.03
N LYS A 422 -34.62 29.87 -2.09
CA LYS A 422 -34.94 28.60 -1.46
C LYS A 422 -36.24 28.69 -0.67
N ASN A 423 -36.46 29.81 0.02
CA ASN A 423 -37.73 29.99 0.73
C ASN A 423 -38.91 30.00 -0.22
N GLU A 424 -38.72 30.51 -1.43
CA GLU A 424 -39.81 30.47 -2.40
C GLU A 424 -40.23 29.03 -2.67
N TYR A 425 -39.27 28.11 -2.80
CA TYR A 425 -39.61 26.71 -2.99
C TYR A 425 -40.41 26.16 -1.83
N TRP A 426 -40.00 26.47 -0.58
CA TRP A 426 -40.77 26.00 0.56
C TRP A 426 -42.18 26.59 0.54
N LYS A 427 -42.31 27.89 0.19
CA LYS A 427 -43.64 28.48 0.06
C LYS A 427 -44.49 27.73 -0.96
N ILE A 428 -43.89 27.39 -2.11
CA ILE A 428 -44.59 26.62 -3.14
C ILE A 428 -45.02 25.27 -2.58
N LEU A 429 -44.10 24.59 -1.89
CA LEU A 429 -44.41 23.28 -1.33
C LEU A 429 -45.49 23.36 -0.27
N ILE A 430 -45.42 24.38 0.59
CA ILE A 430 -46.44 24.54 1.64
C ILE A 430 -47.82 24.71 1.03
N GLU A 431 -47.93 25.59 0.03
CA GLU A 431 -49.22 25.81 -0.60
C GLU A 431 -49.69 24.56 -1.33
N ALA A 432 -48.78 23.87 -2.04
CA ALA A 432 -49.17 22.65 -2.72
C ALA A 432 -49.60 21.57 -1.74
N LYS A 433 -48.97 21.53 -0.57
CA LYS A 433 -49.31 20.49 0.40
C LYS A 433 -50.74 20.64 0.90
N LYS A 434 -51.25 21.86 0.96
CA LYS A 434 -52.64 22.07 1.37
C LYS A 434 -53.62 21.37 0.44
N LYS A 435 -53.27 21.23 -0.85
CA LYS A 435 -54.15 20.64 -1.84
C LYS A 435 -53.64 19.32 -2.39
N ALA A 436 -52.63 18.74 -1.81
CA ALA A 436 -52.11 17.50 -2.30
C ALA A 436 -53.05 16.33 -2.32
N LYS A 437 -52.94 15.51 -3.35
CA LYS A 437 -53.75 14.31 -3.51
C LYS A 437 -53.01 13.04 -3.69
N ASN A 438 -51.72 13.10 -3.92
CA ASN A 438 -50.97 11.90 -4.17
C ASN A 438 -49.54 12.05 -3.70
N ASP A 439 -48.79 10.98 -3.79
CA ASP A 439 -47.44 10.92 -3.24
C ASP A 439 -46.43 11.72 -4.06
N TYR A 440 -46.83 12.36 -5.16
CA TYR A 440 -45.88 13.26 -5.78
C TYR A 440 -45.51 14.40 -4.85
N ILE A 441 -46.34 14.69 -3.83
CA ILE A 441 -45.90 15.70 -2.87
C ILE A 441 -44.66 15.22 -2.11
N LEU A 442 -44.53 13.91 -1.89
CA LEU A 442 -43.32 13.39 -1.25
C LEU A 442 -42.11 13.57 -2.15
N VAL A 443 -42.28 13.36 -3.45
CA VAL A 443 -41.17 13.55 -4.38
C VAL A 443 -40.64 14.97 -4.27
N ALA A 444 -41.56 15.94 -4.21
CA ALA A 444 -41.23 17.36 -4.13
C ALA A 444 -40.56 17.72 -2.82
N GLU A 445 -40.70 16.88 -1.81
CA GLU A 445 -40.03 17.12 -0.53
C GLU A 445 -38.56 16.70 -0.53
N GLY A 446 -38.05 16.16 -1.64
CA GLY A 446 -36.64 15.79 -1.70
C GLY A 446 -35.72 16.98 -1.50
N SER A 447 -34.59 16.74 -0.84
CA SER A 447 -33.66 17.82 -0.52
C SER A 447 -33.06 18.43 -1.78
N ASP A 448 -32.90 17.62 -2.84
CA ASP A 448 -32.17 18.08 -4.01
C ASP A 448 -32.77 19.35 -4.61
N TRP A 449 -34.10 19.44 -4.68
CA TRP A 449 -34.70 20.60 -5.33
C TRP A 449 -34.31 21.90 -4.63
N PHE A 450 -34.25 21.87 -3.30
CA PHE A 450 -33.90 23.05 -2.53
C PHE A 450 -32.41 23.33 -2.58
N TRP A 451 -31.61 22.27 -2.76
CA TRP A 451 -30.16 22.41 -2.86
C TRP A 451 -29.78 23.31 -4.03
N TRP A 452 -30.38 23.06 -5.21
CA TRP A 452 -29.97 23.76 -6.41
C TRP A 452 -30.62 25.12 -6.54
N GLN A 453 -31.74 25.33 -5.85
CA GLN A 453 -32.50 26.57 -6.04
C GLN A 453 -31.72 27.73 -5.45
N GLY A 454 -31.76 28.86 -6.13
CA GLY A 454 -31.13 30.05 -5.59
C GLY A 454 -29.64 29.91 -5.42
N GLU A 455 -29.01 29.28 -6.40
CA GLU A 455 -27.56 29.16 -6.36
C GLU A 455 -26.86 29.94 -7.50
N GLU A 456 -27.34 29.99 -8.74
CA GLU A 456 -28.45 29.29 -9.31
C GLU A 456 -27.84 28.02 -9.85
N LYS A 457 -27.21 28.01 -11.03
CA LYS A 457 -26.98 29.08 -12.00
C LYS A 457 -25.85 28.35 -12.69
N ALA A 458 -26.15 27.74 -13.82
CA ALA A 458 -25.24 26.97 -14.59
C ALA A 458 -26.12 25.99 -15.33
N PRO A 459 -25.53 25.31 -16.39
CA PRO A 459 -26.46 24.42 -17.07
C PRO A 459 -27.21 23.39 -16.19
N PHE A 460 -28.47 23.29 -16.50
CA PHE A 460 -29.40 22.26 -16.03
C PHE A 460 -30.10 22.59 -14.71
N VAL A 461 -29.69 23.65 -13.99
CA VAL A 461 -30.50 24.03 -12.83
C VAL A 461 -31.92 24.33 -13.28
N GLU A 462 -32.09 24.82 -14.51
CA GLU A 462 -33.44 25.01 -14.98
C GLU A 462 -34.18 23.67 -15.09
N VAL A 463 -33.45 22.56 -15.31
CA VAL A 463 -34.11 21.27 -15.37
C VAL A 463 -34.59 20.83 -13.99
N PHE A 464 -33.77 21.04 -12.96
CA PHE A 464 -34.22 20.72 -11.61
C PHE A 464 -35.46 21.53 -11.24
N ASP A 465 -35.52 22.79 -11.68
CA ASP A 465 -36.67 23.63 -11.37
C ASP A 465 -37.92 23.15 -12.12
N LYS A 466 -37.75 22.74 -13.39
CA LYS A 466 -38.86 22.13 -14.13
C LYS A 466 -39.37 20.86 -13.45
N LEU A 467 -38.45 20.01 -12.99
CA LEU A 467 -38.85 18.80 -12.28
C LEU A 467 -39.60 19.11 -11.00
N PHE A 468 -38.99 19.94 -10.12
CA PHE A 468 -39.65 20.28 -8.87
C PHE A 468 -41.06 20.79 -9.11
N ARG A 469 -41.19 21.78 -9.98
CA ARG A 469 -42.50 22.39 -10.22
C ARG A 469 -43.47 21.43 -10.89
N SER A 470 -42.96 20.51 -11.72
CA SER A 470 -43.84 19.51 -12.33
C SER A 470 -44.37 18.53 -11.27
N PHE A 471 -43.50 18.09 -10.37
CA PHE A 471 -43.93 17.23 -9.28
C PHE A 471 -44.94 17.93 -8.39
N VAL A 472 -44.71 19.22 -8.10
CA VAL A 472 -45.66 19.99 -7.30
C VAL A 472 -47.01 20.07 -8.00
N ARG A 473 -46.99 20.30 -9.32
CA ARG A 473 -48.24 20.37 -10.08
C ARG A 473 -48.95 19.03 -10.05
N ARG A 474 -48.22 17.95 -10.33
CA ARG A 474 -48.82 16.63 -10.40
C ARG A 474 -49.38 16.20 -9.06
N ALA A 475 -48.75 16.63 -7.95
CA ALA A 475 -49.21 16.25 -6.62
C ALA A 475 -50.62 16.73 -6.32
N GLN A 476 -51.12 17.71 -7.07
CA GLN A 476 -52.42 18.30 -6.77
C GLN A 476 -53.52 17.75 -7.67
N GLU A 477 -53.20 16.74 -8.48
CA GLU A 477 -54.16 16.12 -9.39
C GLU A 477 -54.43 14.67 -9.01
N LYS B 2 5.50 10.06 -16.16
CA LYS B 2 6.64 9.17 -16.39
C LYS B 2 7.41 8.98 -15.09
N LYS B 3 7.53 7.73 -14.64
CA LYS B 3 8.16 7.42 -13.37
C LYS B 3 9.56 6.86 -13.57
N LEU B 4 10.39 7.03 -12.55
CA LEU B 4 11.57 6.21 -12.35
C LEU B 4 11.21 5.13 -11.34
N PHE B 5 11.49 3.87 -11.68
CA PHE B 5 11.23 2.76 -10.79
C PHE B 5 12.52 2.42 -10.06
N LEU B 6 12.47 2.44 -8.73
CA LEU B 6 13.63 2.26 -7.87
C LEU B 6 13.45 0.98 -7.09
N VAL B 7 14.45 0.10 -7.15
CA VAL B 7 14.35 -1.22 -6.51
C VAL B 7 15.54 -1.39 -5.58
N PHE B 8 15.30 -1.37 -4.27
CA PHE B 8 16.35 -1.69 -3.29
C PHE B 8 16.33 -3.18 -3.05
N TRP B 9 17.51 -3.81 -3.07
CA TRP B 9 17.62 -5.24 -2.77
C TRP B 9 18.80 -5.38 -1.81
N TRP B 10 18.49 -5.54 -0.54
CA TRP B 10 19.50 -5.57 0.51
C TRP B 10 19.89 -7.02 0.79
N HIS B 11 21.16 -7.34 0.58
CA HIS B 11 21.63 -8.72 0.67
C HIS B 11 22.24 -8.98 2.04
N MET B 12 21.74 -10.01 2.73
CA MET B 12 22.13 -10.37 4.09
C MET B 12 22.75 -11.76 4.07
N HIS B 13 23.96 -11.87 4.62
CA HIS B 13 24.67 -13.15 4.58
C HIS B 13 25.72 -13.20 5.69
N GLN B 14 25.91 -14.40 6.24
CA GLN B 14 27.08 -14.71 7.07
C GLN B 14 27.48 -16.14 6.74
N PRO B 15 28.77 -16.42 6.58
CA PRO B 15 29.23 -17.80 6.49
C PRO B 15 29.03 -18.52 7.83
N LEU B 16 29.16 -19.84 7.81
CA LEU B 16 28.88 -20.63 9.00
C LEU B 16 30.06 -20.51 9.98
N TYR B 17 29.85 -19.80 11.08
CA TYR B 17 30.87 -19.65 12.13
C TYR B 17 30.88 -20.82 13.09
N ARG B 18 29.95 -21.75 12.95
CA ARG B 18 29.78 -22.88 13.85
C ARG B 18 30.79 -23.98 13.55
N GLU B 19 31.82 -24.10 14.38
CA GLU B 19 32.81 -25.15 14.22
C GLU B 19 32.15 -26.52 14.38
N PRO B 20 32.35 -27.46 13.46
CA PRO B 20 31.50 -28.66 13.44
C PRO B 20 31.81 -29.68 14.52
N TYR B 21 33.03 -29.70 15.06
CA TYR B 21 33.34 -30.70 16.07
C TYR B 21 32.95 -30.24 17.47
N THR B 22 33.15 -28.95 17.79
CA THR B 22 32.79 -28.40 19.08
C THR B 22 31.41 -27.74 19.09
N GLY B 23 30.86 -27.40 17.93
CA GLY B 23 29.62 -26.64 17.90
C GLY B 23 29.76 -25.19 18.33
N GLU B 24 30.98 -24.72 18.55
CA GLU B 24 31.20 -23.35 18.99
C GLU B 24 31.15 -22.40 17.81
N TYR B 25 30.43 -21.30 17.97
CA TYR B 25 30.48 -20.19 17.02
C TYR B 25 31.77 -19.43 17.29
N LEU B 26 32.73 -19.54 16.37
CA LEU B 26 34.08 -19.04 16.62
C LEU B 26 34.20 -17.53 16.44
N LEU B 27 33.24 -16.89 15.78
CA LEU B 27 33.17 -15.44 15.68
C LEU B 27 31.72 -15.02 15.94
N PRO B 28 31.52 -13.81 16.46
CA PRO B 28 30.17 -13.39 16.88
C PRO B 28 29.45 -12.54 15.85
N TRP B 29 29.94 -12.50 14.61
CA TRP B 29 29.44 -11.54 13.64
C TRP B 29 27.97 -11.76 13.31
N THR B 30 27.49 -13.01 13.30
CA THR B 30 26.06 -13.20 13.08
C THR B 30 25.24 -12.60 14.21
N PHE B 31 25.66 -12.85 15.46
CA PHE B 31 24.96 -12.23 16.58
C PHE B 31 24.92 -10.71 16.42
N PHE B 32 26.07 -10.10 16.15
CA PHE B 32 26.12 -8.64 16.18
C PHE B 32 25.38 -8.02 15.01
N HIS B 33 25.44 -8.63 13.82
CA HIS B 33 24.63 -8.12 12.71
C HIS B 33 23.15 -8.47 12.86
N ALA B 34 22.82 -9.54 13.56
CA ALA B 34 21.41 -9.82 13.83
C ALA B 34 20.81 -8.74 14.73
N VAL B 35 21.51 -8.39 15.81
CA VAL B 35 20.96 -7.41 16.75
C VAL B 35 20.98 -6.01 16.17
N LYS B 36 21.96 -5.71 15.30
CA LYS B 36 22.09 -4.36 14.77
C LYS B 36 21.32 -4.16 13.47
N ASP B 37 21.35 -5.14 12.56
CA ASP B 37 20.90 -4.90 11.19
C ASP B 37 19.79 -5.83 10.70
N TYR B 38 19.82 -7.12 11.05
CA TYR B 38 18.97 -8.05 10.32
C TYR B 38 17.50 -7.89 10.66
N TYR B 39 17.19 -7.39 11.87
CA TYR B 39 15.81 -7.03 12.19
C TYR B 39 15.53 -5.60 11.80
N ASP B 40 16.49 -4.71 12.06
CA ASP B 40 16.22 -3.30 11.97
C ASP B 40 16.11 -2.82 10.53
N MET B 41 16.83 -3.45 9.59
CA MET B 41 16.72 -3.01 8.20
C MET B 41 15.31 -3.22 7.65
N PRO B 42 14.70 -4.41 7.74
CA PRO B 42 13.29 -4.48 7.33
C PRO B 42 12.37 -3.69 8.25
N ALA B 43 12.75 -3.48 9.52
CA ALA B 43 11.85 -2.76 10.43
C ALA B 43 11.63 -1.31 10.02
N TYR B 44 12.51 -0.74 9.18
CA TYR B 44 12.24 0.59 8.63
C TYR B 44 10.92 0.65 7.91
N LEU B 45 10.45 -0.47 7.35
CA LEU B 45 9.19 -0.48 6.64
C LEU B 45 8.00 -0.25 7.55
N LYS B 46 8.17 -0.36 8.86
CA LYS B 46 7.09 0.00 9.76
C LYS B 46 6.85 1.50 9.80
N ASP B 47 7.86 2.30 9.45
CA ASP B 47 7.80 3.74 9.61
C ASP B 47 7.80 4.50 8.29
N PHE B 48 8.15 3.85 7.19
CA PHE B 48 8.25 4.51 5.89
C PHE B 48 7.46 3.68 4.89
N GLU B 49 6.48 4.30 4.23
CA GLU B 49 5.63 3.58 3.28
C GLU B 49 6.32 3.59 1.92
N ILE B 50 7.33 2.74 1.82
CA ILE B 50 8.06 2.47 0.59
C ILE B 50 8.20 0.96 0.48
N LYS B 51 8.75 0.50 -0.65
CA LYS B 51 9.06 -0.90 -0.83
C LYS B 51 10.56 -1.11 -0.68
N LEU B 52 10.95 -2.14 0.07
CA LEU B 52 12.34 -2.53 0.22
C LEU B 52 12.40 -4.04 0.13
N ASN B 53 13.39 -4.57 -0.58
CA ASN B 53 13.53 -6.00 -0.78
C ASN B 53 14.78 -6.52 -0.09
N PHE B 54 14.76 -7.82 0.22
CA PHE B 54 15.80 -8.42 1.03
C PHE B 54 16.18 -9.77 0.47
N ASN B 55 17.47 -10.09 0.56
CA ASN B 55 17.95 -11.44 0.31
C ASN B 55 18.48 -12.00 1.62
N LEU B 56 18.08 -13.22 1.94
CA LEU B 56 18.59 -13.93 3.11
C LEU B 56 19.22 -15.23 2.63
N THR B 57 20.51 -15.42 2.89
CA THR B 57 21.11 -16.70 2.53
C THR B 57 20.65 -17.78 3.50
N PRO B 58 20.49 -19.00 3.04
CA PRO B 58 20.01 -20.05 3.95
C PRO B 58 20.96 -20.31 5.09
N VAL B 59 22.26 -20.21 4.87
CA VAL B 59 23.20 -20.45 5.96
C VAL B 59 23.07 -19.35 7.02
N LEU B 60 22.77 -18.11 6.60
CA LEU B 60 22.45 -17.09 7.59
C LEU B 60 21.20 -17.45 8.38
N ILE B 61 20.15 -17.89 7.69
CA ILE B 61 18.90 -18.24 8.36
C ILE B 61 19.13 -19.33 9.41
N ASP B 62 19.89 -20.37 9.05
CA ASP B 62 20.24 -21.42 10.01
C ASP B 62 20.82 -20.84 11.30
N GLN B 63 21.74 -19.89 11.16
CA GLN B 63 22.39 -19.34 12.35
C GLN B 63 21.42 -18.46 13.15
N ILE B 64 20.65 -17.61 12.47
CA ILE B 64 19.64 -16.82 13.17
C ILE B 64 18.71 -17.74 13.97
N GLN B 65 18.33 -18.88 13.39
CA GLN B 65 17.45 -19.79 14.14
C GLN B 65 18.17 -20.36 15.35
N GLU B 66 19.45 -20.73 15.20
CA GLU B 66 20.18 -21.31 16.31
C GLU B 66 20.29 -20.32 17.46
N TYR B 67 20.60 -19.05 17.16
CA TYR B 67 20.63 -18.04 18.22
C TYR B 67 19.26 -17.83 18.83
N ALA B 68 18.23 -17.72 17.99
CA ALA B 68 16.87 -17.47 18.46
C ALA B 68 16.41 -18.55 19.43
N GLN B 69 16.86 -19.78 19.23
CA GLN B 69 16.46 -20.88 20.08
C GLN B 69 17.37 -21.06 21.29
N GLY B 70 18.35 -20.18 21.47
CA GLY B 70 19.23 -20.32 22.61
C GLY B 70 20.18 -21.49 22.52
N LYS B 71 20.44 -22.01 21.32
CA LYS B 71 21.33 -23.13 21.14
C LYS B 71 22.73 -22.73 20.68
N ALA B 72 22.93 -21.46 20.34
CA ALA B 72 24.22 -21.05 19.80
C ALA B 72 25.22 -20.87 20.93
N LYS B 73 26.33 -21.60 20.87
CA LYS B 73 27.43 -21.45 21.81
C LYS B 73 28.45 -20.50 21.18
N ASP B 74 28.35 -19.23 21.54
CA ASP B 74 29.13 -18.17 20.92
C ASP B 74 30.30 -17.82 21.85
N VAL B 75 31.53 -18.04 21.36
CA VAL B 75 32.72 -17.94 22.21
C VAL B 75 32.96 -16.49 22.65
N PHE B 76 32.96 -15.55 21.70
CA PHE B 76 33.14 -14.14 22.05
C PHE B 76 31.99 -13.64 22.90
N LEU B 77 30.77 -14.06 22.59
CA LEU B 77 29.63 -13.61 23.38
C LEU B 77 29.71 -14.15 24.79
N GLU B 78 30.33 -15.32 24.97
CA GLU B 78 30.55 -15.85 26.31
C GLU B 78 31.48 -14.96 27.11
N ALA B 79 32.52 -14.41 26.46
CA ALA B 79 33.43 -13.48 27.12
C ALA B 79 32.75 -12.16 27.48
N ILE B 80 31.65 -11.84 26.82
CA ILE B 80 30.89 -10.64 27.16
C ILE B 80 29.96 -10.90 28.32
N ARG B 81 29.29 -12.06 28.32
CA ARG B 81 28.25 -12.31 29.31
C ARG B 81 28.82 -12.48 30.71
N LYS B 82 29.94 -13.21 30.84
CA LYS B 82 30.48 -13.57 32.14
C LYS B 82 30.75 -12.34 33.00
N ASP B 83 30.56 -12.51 34.29
CA ASP B 83 31.15 -11.59 35.26
C ASP B 83 32.64 -11.55 35.01
N PRO B 84 33.26 -10.36 34.96
CA PRO B 84 34.70 -10.30 34.66
C PRO B 84 35.56 -11.11 35.62
N ASP B 85 35.09 -11.33 36.86
CA ASP B 85 35.82 -12.20 37.80
C ASP B 85 35.97 -13.62 37.27
N ASP B 86 35.06 -14.05 36.39
CA ASP B 86 35.08 -15.39 35.82
C ASP B 86 35.81 -15.45 34.48
N LEU B 87 36.29 -14.32 33.96
CA LEU B 87 36.94 -14.30 32.66
C LEU B 87 38.29 -15.00 32.71
N GLU B 88 38.53 -15.86 31.71
CA GLU B 88 39.86 -16.40 31.49
C GLU B 88 40.75 -15.32 30.86
N LYS B 89 42.05 -15.43 31.11
CA LYS B 89 42.99 -14.52 30.48
C LYS B 89 42.78 -14.45 28.97
N GLU B 90 42.57 -15.61 28.34
CA GLU B 90 42.35 -15.63 26.89
C GLU B 90 41.07 -14.90 26.49
N GLU B 91 40.05 -14.88 27.37
CA GLU B 91 38.82 -14.17 27.07
C GLU B 91 39.01 -12.66 27.22
N VAL B 92 39.80 -12.24 28.21
CA VAL B 92 40.13 -10.82 28.31
C VAL B 92 40.87 -10.38 27.06
N GLU B 93 41.83 -11.20 26.59
CA GLU B 93 42.55 -10.92 25.37
C GLU B 93 41.61 -10.74 24.18
N LYS B 94 40.69 -11.68 24.00
CA LYS B 94 39.71 -11.58 22.91
C LYS B 94 38.88 -10.31 23.01
N LEU B 95 38.43 -9.97 24.23
CA LEU B 95 37.62 -8.77 24.41
C LEU B 95 38.38 -7.52 23.99
N ILE B 96 39.65 -7.41 24.40
CA ILE B 96 40.45 -6.23 24.06
C ILE B 96 40.75 -6.21 22.57
N GLU B 97 41.11 -7.36 21.98
CA GLU B 97 41.34 -7.43 20.53
C GLU B 97 40.09 -7.04 19.75
N PHE B 98 38.92 -7.53 20.18
CA PHE B 98 37.69 -7.19 19.48
C PHE B 98 37.44 -5.69 19.55
N THR B 99 37.67 -5.10 20.72
CA THR B 99 37.49 -3.65 20.85
C THR B 99 38.45 -2.91 19.93
N LYS B 100 39.71 -3.34 19.91
CA LYS B 100 40.71 -2.66 19.09
C LYS B 100 40.34 -2.71 17.62
N LEU B 101 39.78 -3.84 17.17
CA LEU B 101 39.40 -3.98 15.77
C LEU B 101 38.30 -3.00 15.39
N ASN B 102 37.38 -2.74 16.32
CA ASN B 102 36.21 -1.91 16.04
C ASN B 102 36.38 -0.47 16.50
N TYR B 103 37.54 -0.14 17.09
CA TYR B 103 37.70 1.07 17.89
C TYR B 103 37.42 2.35 17.09
N GLU B 104 37.79 2.37 15.82
CA GLU B 104 37.68 3.60 15.03
C GLU B 104 36.33 3.76 14.35
N LYS B 105 35.44 2.79 14.46
CA LYS B 105 34.16 2.89 13.80
C LYS B 105 33.26 3.87 14.56
N PRO B 106 32.48 4.68 13.85
CA PRO B 106 31.60 5.64 14.56
C PRO B 106 30.69 5.00 15.59
N ILE B 107 30.24 3.76 15.39
CA ILE B 107 29.35 3.15 16.38
C ILE B 107 30.08 2.80 17.66
N TYR B 108 31.42 2.83 17.66
CA TYR B 108 32.20 2.61 18.87
C TYR B 108 32.63 3.90 19.54
N ARG B 109 32.05 5.04 19.16
CA ARG B 109 32.48 6.34 19.68
C ARG B 109 31.83 6.60 21.04
N PHE B 110 32.36 5.91 22.04
CA PHE B 110 32.03 6.15 23.43
C PHE B 110 33.27 6.67 24.14
N GLU B 111 33.12 7.78 24.85
CA GLU B 111 34.24 8.32 25.61
C GLU B 111 34.83 7.27 26.55
N ARG B 112 33.97 6.46 27.16
CA ARG B 112 34.47 5.48 28.13
C ARG B 112 35.36 4.44 27.47
N ILE B 113 35.06 4.08 26.21
CA ILE B 113 35.89 3.11 25.52
C ILE B 113 37.29 3.67 25.29
N ARG B 114 37.38 4.96 24.97
CA ARG B 114 38.69 5.59 24.80
C ARG B 114 39.47 5.57 26.11
N GLU B 115 38.78 5.84 27.22
CA GLU B 115 39.42 5.77 28.53
C GLU B 115 39.95 4.37 28.80
N LEU B 116 39.12 3.36 28.58
CA LEU B 116 39.49 1.99 28.93
C LEU B 116 40.68 1.51 28.12
N MET B 117 40.76 1.88 26.84
CA MET B 117 41.82 1.39 25.97
C MET B 117 43.14 2.10 26.20
N ASN B 118 43.15 3.20 26.93
CA ASN B 118 44.37 3.88 27.32
C ASN B 118 44.85 3.47 28.70
N LYS B 119 44.20 2.49 29.32
CA LYS B 119 44.63 1.99 30.61
C LYS B 119 45.54 0.78 30.41
N GLU B 120 46.49 0.61 31.34
CA GLU B 120 47.41 -0.51 31.25
C GLU B 120 46.76 -1.81 31.75
N LYS B 121 45.94 -1.72 32.79
CA LYS B 121 45.25 -2.88 33.34
C LYS B 121 43.81 -2.50 33.65
N LEU B 122 42.89 -3.45 33.46
CA LEU B 122 41.47 -3.23 33.70
C LEU B 122 41.02 -4.02 34.92
N ASN B 123 40.35 -3.34 35.86
CA ASN B 123 39.75 -4.00 37.01
C ASN B 123 38.37 -4.53 36.63
N ARG B 124 37.65 -5.08 37.62
CA ARG B 124 36.37 -5.73 37.31
C ARG B 124 35.37 -4.73 36.75
N GLU B 125 35.24 -3.57 37.39
CA GLU B 125 34.27 -2.58 36.93
C GLU B 125 34.64 -2.04 35.56
N GLU B 126 35.95 -1.90 35.30
CA GLU B 126 36.37 -1.44 33.98
C GLU B 126 36.05 -2.48 32.91
N LEU B 127 36.26 -3.76 33.21
CA LEU B 127 35.95 -4.80 32.23
C LEU B 127 34.44 -4.89 31.99
N LEU B 128 33.64 -4.65 33.04
CA LEU B 128 32.19 -4.63 32.87
C LEU B 128 31.77 -3.56 31.88
N ASP B 129 32.38 -2.38 31.98
CA ASP B 129 32.11 -1.32 31.00
C ASP B 129 32.56 -1.73 29.62
N LEU B 130 33.74 -2.35 29.51
CA LEU B 130 34.21 -2.80 28.21
C LEU B 130 33.25 -3.81 27.60
N GLN B 131 32.79 -4.76 28.42
CA GLN B 131 31.82 -5.74 27.93
C GLN B 131 30.52 -5.08 27.48
N THR B 132 29.98 -4.20 28.33
CA THR B 132 28.66 -3.64 28.05
C THR B 132 28.72 -2.65 26.90
N LEU B 133 29.79 -1.84 26.82
CA LEU B 133 29.88 -0.88 25.73
C LEU B 133 30.11 -1.57 24.40
N ASN B 134 30.78 -2.72 24.40
CA ASN B 134 30.86 -3.50 23.16
C ASN B 134 29.48 -3.91 22.71
N LEU B 135 28.63 -4.34 23.65
CA LEU B 135 27.25 -4.68 23.31
C LEU B 135 26.50 -3.47 22.78
N LEU B 136 26.61 -2.33 23.48
CA LEU B 136 25.80 -1.16 23.15
C LEU B 136 26.25 -0.53 21.84
N ALA B 137 27.52 -0.66 21.49
CA ALA B 137 28.00 -0.18 20.20
C ALA B 137 27.20 -0.79 19.04
N TRP B 138 26.69 -2.01 19.22
CA TRP B 138 25.96 -2.70 18.16
C TRP B 138 24.44 -2.57 18.30
N CYS B 139 23.96 -1.67 19.16
CA CYS B 139 22.53 -1.47 19.32
C CYS B 139 21.89 -1.05 18.00
N GLY B 140 20.80 -1.73 17.65
CA GLY B 140 20.05 -1.38 16.45
C GLY B 140 19.11 -0.21 16.66
N ARG B 141 18.55 0.26 15.53
CA ARG B 141 17.69 1.43 15.56
C ARG B 141 16.52 1.26 16.53
N THR B 142 15.89 0.08 16.54
CA THR B 142 14.69 -0.11 17.35
C THR B 142 14.98 0.01 18.84
N LEU B 143 16.09 -0.57 19.29
CA LEU B 143 16.37 -0.65 20.71
C LEU B 143 16.97 0.64 21.28
N ARG B 144 17.28 1.62 20.43
CA ARG B 144 17.79 2.90 20.94
C ARG B 144 16.83 3.56 21.91
N LYS B 145 15.53 3.26 21.83
CA LYS B 145 14.59 3.89 22.76
C LYS B 145 14.56 3.15 24.09
N ASP B 146 14.42 1.82 24.05
CA ASP B 146 14.39 1.06 25.30
C ASP B 146 15.71 1.17 26.04
N LEU B 147 16.81 1.28 25.33
CA LEU B 147 18.14 1.28 25.92
C LEU B 147 18.72 2.68 26.10
N LYS B 148 17.91 3.73 25.89
CA LYS B 148 18.43 5.09 25.94
C LYS B 148 19.09 5.41 27.28
N ASP B 149 18.47 4.97 28.38
CA ASP B 149 19.06 5.29 29.68
C ASP B 149 20.45 4.69 29.81
N LEU B 150 20.64 3.47 29.29
CA LEU B 150 21.96 2.84 29.36
C LEU B 150 22.94 3.49 28.39
N LEU B 151 22.45 3.93 27.22
CA LEU B 151 23.32 4.64 26.30
C LEU B 151 23.70 6.00 26.86
N ASN B 152 22.74 6.68 27.51
CA ASN B 152 23.02 7.96 28.14
C ASN B 152 24.01 7.83 29.30
N LYS B 153 23.97 6.71 30.01
CA LYS B 153 24.83 6.52 31.18
C LYS B 153 26.30 6.55 30.77
N GLY B 154 26.67 5.77 29.76
CA GLY B 154 28.00 5.82 29.17
C GLY B 154 29.09 5.08 29.90
N ARG B 155 28.89 4.72 31.17
CA ARG B 155 29.96 4.14 31.99
C ARG B 155 29.33 3.52 33.23
N ASN B 156 30.15 2.77 33.97
CA ASN B 156 29.78 2.23 35.27
C ASN B 156 28.57 1.30 35.17
N TYR B 157 28.66 0.33 34.27
CA TYR B 157 27.59 -0.64 34.08
C TYR B 157 27.69 -1.77 35.09
N THR B 158 26.53 -2.32 35.45
CA THR B 158 26.50 -3.49 36.33
C THR B 158 26.29 -4.76 35.52
N GLN B 159 26.60 -5.89 36.15
CA GLN B 159 26.33 -7.19 35.52
C GLN B 159 24.85 -7.32 35.18
N GLU B 160 23.98 -6.82 36.05
CA GLU B 160 22.54 -6.90 35.80
C GLU B 160 22.14 -6.06 34.59
N GLU B 161 22.71 -4.86 34.45
CA GLU B 161 22.39 -4.03 33.29
C GLU B 161 22.85 -4.69 31.99
N LYS B 162 24.05 -5.24 32.00
CA LYS B 162 24.56 -5.97 30.84
C LYS B 162 23.64 -7.12 30.47
N GLU B 163 23.16 -7.87 31.47
CA GLU B 163 22.27 -8.99 31.18
C GLU B 163 20.95 -8.52 30.61
N TYR B 164 20.47 -7.34 31.04
CA TYR B 164 19.26 -6.77 30.45
C TYR B 164 19.46 -6.49 28.97
N VAL B 165 20.60 -5.89 28.62
CA VAL B 165 20.90 -5.64 27.22
C VAL B 165 20.89 -6.95 26.44
N LEU B 166 21.55 -7.98 26.97
CA LEU B 166 21.58 -9.27 26.28
C LEU B 166 20.18 -9.83 26.09
N ASN B 167 19.34 -9.71 27.12
CA ASN B 167 17.97 -10.19 27.01
C ASN B 167 17.23 -9.47 25.89
N LYS B 168 17.33 -8.14 25.84
CA LYS B 168 16.66 -7.38 24.80
C LYS B 168 17.22 -7.74 23.43
N TYR B 169 18.54 -7.97 23.35
CA TYR B 169 19.14 -8.33 22.07
C TYR B 169 18.60 -9.67 21.58
N PHE B 170 18.54 -10.65 22.47
CA PHE B 170 18.02 -11.95 22.04
C PHE B 170 16.54 -11.85 21.69
N GLU B 171 15.80 -10.95 22.32
CA GLU B 171 14.42 -10.71 21.92
C GLU B 171 14.34 -10.24 20.47
N ILE B 172 15.23 -9.32 20.08
CA ILE B 172 15.30 -8.86 18.69
C ILE B 172 15.58 -10.03 17.75
N ILE B 173 16.54 -10.89 18.12
CA ILE B 173 16.88 -12.02 17.26
C ILE B 173 15.68 -12.95 17.08
N LYS B 174 14.97 -13.21 18.17
CA LYS B 174 13.81 -14.10 18.13
C LYS B 174 12.68 -13.55 17.27
N LYS B 175 12.61 -12.23 17.08
CA LYS B 175 11.60 -11.61 16.24
C LYS B 175 12.06 -11.39 14.80
N THR B 176 13.26 -11.84 14.44
CA THR B 176 13.83 -11.42 13.16
C THR B 176 13.16 -12.11 11.97
N LEU B 177 13.08 -13.44 11.99
CA LEU B 177 12.42 -14.10 10.86
C LEU B 177 10.97 -13.64 10.72
N SER B 178 10.30 -13.38 11.85
CA SER B 178 8.91 -12.97 11.82
C SER B 178 8.72 -11.64 11.09
N ILE B 179 9.68 -10.72 11.20
CA ILE B 179 9.51 -9.44 10.53
C ILE B 179 9.68 -9.61 9.02
N TYR B 180 10.54 -10.54 8.58
CA TYR B 180 10.61 -10.82 7.14
C TYR B 180 9.31 -11.41 6.62
N ARG B 181 8.72 -12.36 7.35
CA ARG B 181 7.41 -12.85 6.97
C ARG B 181 6.39 -11.73 6.94
N GLU B 182 6.49 -10.79 7.88
CA GLU B 182 5.48 -9.74 8.00
C GLU B 182 5.55 -8.77 6.83
N ILE B 183 6.74 -8.26 6.52
CA ILE B 183 6.82 -7.29 5.44
C ILE B 183 6.48 -7.96 4.11
N LYS B 184 6.74 -9.25 4.00
CA LYS B 184 6.43 -9.95 2.77
C LYS B 184 4.93 -10.15 2.62
N GLU B 185 4.27 -10.65 3.66
CA GLU B 185 2.82 -10.83 3.53
C GLU B 185 2.10 -9.49 3.43
N GLU B 186 2.68 -8.43 3.99
CA GLU B 186 2.08 -7.10 3.89
C GLU B 186 2.32 -6.42 2.54
N GLY B 187 3.08 -7.05 1.63
CA GLY B 187 3.34 -6.46 0.34
C GLY B 187 4.34 -5.32 0.38
N LYS B 188 5.09 -5.19 1.47
CA LYS B 188 6.03 -4.09 1.59
C LYS B 188 7.38 -4.41 1.00
N GLY B 189 7.67 -5.69 0.75
CA GLY B 189 8.90 -6.07 0.10
C GLY B 189 8.85 -7.52 -0.28
N SER B 190 9.68 -7.87 -1.25
CA SER B 190 9.92 -9.27 -1.61
C SER B 190 11.13 -9.77 -0.83
N VAL B 191 11.18 -11.08 -0.60
CA VAL B 191 12.33 -11.71 0.02
C VAL B 191 12.83 -12.80 -0.91
N SER B 192 14.12 -12.76 -1.21
CA SER B 192 14.79 -13.75 -2.04
C SER B 192 15.72 -14.60 -1.16
N THR B 193 16.35 -15.58 -1.79
CA THR B 193 17.45 -16.29 -1.15
C THR B 193 18.55 -16.52 -2.19
N SER B 194 19.64 -17.12 -1.76
CA SER B 194 20.79 -17.47 -2.57
C SER B 194 21.04 -18.97 -2.45
N PRO B 195 21.76 -19.56 -3.40
CA PRO B 195 22.24 -20.93 -3.20
C PRO B 195 22.89 -21.07 -1.82
N TYR B 196 22.72 -22.25 -1.23
CA TYR B 196 22.66 -22.40 0.23
C TYR B 196 23.84 -21.76 0.96
N TYR B 197 25.07 -22.15 0.63
CA TYR B 197 26.20 -21.64 1.39
C TYR B 197 26.93 -20.51 0.65
N HIS B 198 26.22 -19.81 -0.23
CA HIS B 198 26.78 -18.65 -0.92
C HIS B 198 28.02 -19.03 -1.73
N PRO B 199 27.96 -20.08 -2.58
CA PRO B 199 29.13 -20.45 -3.39
C PRO B 199 29.19 -19.64 -4.70
N LEU B 200 30.32 -19.78 -5.39
CA LEU B 200 30.45 -19.24 -6.76
C LEU B 200 29.94 -20.31 -7.73
N ILE B 201 28.64 -20.23 -8.02
CA ILE B 201 28.02 -21.23 -8.91
C ILE B 201 28.71 -21.35 -10.25
N PRO B 202 29.10 -20.27 -10.93
CA PRO B 202 29.72 -20.48 -12.25
C PRO B 202 31.00 -21.31 -12.19
N ILE B 203 31.78 -21.19 -11.13
CA ILE B 203 33.00 -22.00 -11.00
C ILE B 203 32.65 -23.45 -10.71
N LEU B 204 31.66 -23.69 -9.85
CA LEU B 204 31.26 -25.07 -9.55
C LEU B 204 30.76 -25.77 -10.80
N LEU B 205 30.09 -25.05 -11.71
CA LEU B 205 29.57 -25.66 -12.92
C LEU B 205 30.66 -25.86 -13.97
N ASN B 206 31.59 -24.91 -14.06
CA ASN B 206 32.60 -24.94 -15.10
C ASN B 206 33.74 -24.00 -14.73
N PRO B 207 34.79 -24.51 -14.08
CA PRO B 207 35.89 -23.62 -13.66
C PRO B 207 36.57 -22.93 -14.83
N ASN B 208 36.45 -23.46 -16.05
CA ASN B 208 37.03 -22.78 -17.20
C ASN B 208 36.38 -21.42 -17.48
N CYS B 209 35.23 -21.12 -16.88
CA CYS B 209 34.60 -19.83 -17.13
C CYS B 209 35.47 -18.66 -16.66
N VAL B 210 36.47 -18.91 -15.82
CA VAL B 210 37.35 -17.83 -15.36
C VAL B 210 38.14 -17.25 -16.53
N TYR B 211 38.39 -18.05 -17.57
CA TYR B 211 39.17 -17.56 -18.69
C TYR B 211 38.39 -16.56 -19.54
N GLU B 212 37.07 -16.45 -19.34
CA GLU B 212 36.31 -15.52 -20.17
C GLU B 212 36.70 -14.07 -19.91
N THR B 213 37.07 -13.74 -18.67
CA THR B 213 37.54 -12.40 -18.32
C THR B 213 39.03 -12.33 -18.00
N THR B 214 39.61 -13.40 -17.46
CA THR B 214 41.05 -13.46 -17.15
C THR B 214 41.66 -14.67 -17.82
N PRO B 215 41.91 -14.60 -19.14
CA PRO B 215 42.37 -15.79 -19.87
C PRO B 215 43.74 -16.29 -19.47
N ASN B 216 44.55 -15.47 -18.79
CA ASN B 216 45.89 -15.86 -18.41
C ASN B 216 46.01 -16.25 -16.95
N VAL B 217 44.88 -16.35 -16.24
CA VAL B 217 44.92 -16.74 -14.84
C VAL B 217 45.37 -18.18 -14.73
N LYS B 218 46.08 -18.49 -13.64
CA LYS B 218 46.46 -19.86 -13.33
C LYS B 218 45.57 -20.37 -12.20
N ILE B 219 44.84 -21.46 -12.46
CA ILE B 219 44.00 -22.07 -11.45
C ILE B 219 44.39 -23.53 -11.29
N PRO B 220 43.97 -24.21 -10.23
CA PRO B 220 44.32 -25.62 -10.08
C PRO B 220 43.62 -26.51 -11.09
N ASP B 221 43.99 -27.79 -11.06
CA ASP B 221 43.39 -28.82 -11.89
C ASP B 221 42.11 -29.31 -11.21
N PHE B 222 40.96 -28.96 -11.78
CA PHE B 222 39.67 -29.41 -11.26
C PHE B 222 39.39 -30.80 -11.82
N ALA B 223 39.98 -31.81 -11.18
CA ALA B 223 39.85 -33.18 -11.64
C ALA B 223 38.65 -33.90 -11.03
N VAL B 224 37.74 -33.16 -10.41
CA VAL B 224 36.49 -33.70 -9.91
C VAL B 224 35.38 -32.73 -10.30
N SER B 225 34.17 -33.25 -10.46
CA SER B 225 33.04 -32.43 -10.88
C SER B 225 32.33 -31.83 -9.68
N PHE B 226 32.03 -30.53 -9.76
CA PHE B 226 31.23 -29.85 -8.75
C PHE B 226 29.84 -29.51 -9.26
N ARG B 227 29.45 -30.03 -10.42
CA ARG B 227 28.19 -29.62 -11.04
C ARG B 227 26.99 -30.06 -10.22
N GLU B 228 27.03 -31.29 -9.69
CA GLU B 228 25.92 -31.74 -8.85
C GLU B 228 25.81 -30.89 -7.59
N ASP B 229 26.96 -30.53 -6.99
CA ASP B 229 26.93 -29.68 -5.80
C ASP B 229 26.28 -28.32 -6.10
N ALA B 230 26.54 -27.76 -7.29
CA ALA B 230 25.91 -26.50 -7.64
C ALA B 230 24.39 -26.62 -7.65
N SER B 231 23.87 -27.70 -8.23
CA SER B 231 22.44 -27.94 -8.18
C SER B 231 21.95 -28.08 -6.74
N LYS B 232 22.71 -28.82 -5.91
CA LYS B 232 22.31 -29.03 -4.52
C LYS B 232 22.22 -27.71 -3.76
N HIS B 233 23.19 -26.81 -3.96
CA HIS B 233 23.12 -25.50 -3.32
C HIS B 233 21.80 -24.81 -3.64
N VAL B 234 21.39 -24.86 -4.91
CA VAL B 234 20.18 -24.17 -5.32
C VAL B 234 18.95 -24.88 -4.77
N GLU B 235 18.92 -26.20 -4.88
CA GLU B 235 17.75 -26.96 -4.45
C GLU B 235 17.56 -26.85 -2.94
N LEU B 236 18.64 -26.97 -2.17
CA LEU B 236 18.52 -26.91 -0.72
C LEU B 236 18.10 -25.52 -0.25
N ALA B 237 18.55 -24.48 -0.95
CA ALA B 237 18.11 -23.12 -0.67
C ALA B 237 16.61 -22.97 -0.89
N LYS B 238 16.11 -23.54 -1.97
CA LYS B 238 14.66 -23.52 -2.22
C LYS B 238 13.91 -24.16 -1.06
N GLU B 239 14.42 -25.29 -0.56
CA GLU B 239 13.77 -25.98 0.55
C GLU B 239 13.82 -25.16 1.84
N LYS B 240 14.98 -24.55 2.13
CA LYS B 240 15.09 -23.76 3.36
C LYS B 240 14.19 -22.53 3.31
N TYR B 241 14.18 -21.83 2.18
CA TYR B 241 13.27 -20.70 2.02
C TYR B 241 11.82 -21.13 2.21
N PHE B 242 11.45 -22.29 1.65
CA PHE B 242 10.09 -22.78 1.80
C PHE B 242 9.74 -23.07 3.26
N GLU B 243 10.73 -23.55 4.03
CA GLU B 243 10.49 -23.81 5.45
C GLU B 243 10.10 -22.53 6.17
N ILE B 244 10.75 -21.42 5.85
CA ILE B 244 10.53 -20.16 6.55
C ILE B 244 9.26 -19.49 6.07
N PHE B 245 9.07 -19.41 4.75
CA PHE B 245 8.03 -18.57 4.17
C PHE B 245 6.87 -19.34 3.55
N GLY B 246 6.97 -20.66 3.42
CA GLY B 246 5.85 -21.42 2.89
C GLY B 246 5.60 -21.25 1.41
N GLU B 247 6.59 -20.77 0.66
CA GLU B 247 6.51 -20.77 -0.78
C GLU B 247 7.90 -21.04 -1.32
N HIS B 248 7.95 -21.46 -2.55
CA HIS B 248 9.29 -21.61 -3.10
C HIS B 248 9.75 -20.28 -3.68
N PRO B 249 11.05 -19.98 -3.59
CA PRO B 249 11.51 -18.66 -4.01
C PRO B 249 11.51 -18.54 -5.53
N VAL B 250 10.95 -17.43 -6.01
CA VAL B 250 10.91 -17.12 -7.42
C VAL B 250 12.06 -16.18 -7.84
N TYR B 251 12.71 -15.51 -6.87
CA TYR B 251 13.87 -14.67 -7.13
C TYR B 251 15.04 -15.16 -6.31
N MET B 252 16.23 -15.09 -6.88
CA MET B 252 17.45 -15.39 -6.17
C MET B 252 18.47 -14.30 -6.41
N TRP B 253 19.30 -14.05 -5.41
CA TRP B 253 20.47 -13.22 -5.58
C TRP B 253 21.66 -14.14 -5.81
N PRO B 254 22.31 -14.11 -6.96
CA PRO B 254 23.46 -14.99 -7.16
C PRO B 254 24.63 -14.47 -6.35
N PRO B 255 25.26 -15.32 -5.54
CA PRO B 255 26.36 -14.83 -4.69
C PRO B 255 27.41 -14.09 -5.51
N GLU B 256 27.85 -12.95 -4.97
CA GLU B 256 28.82 -12.05 -5.62
C GLU B 256 28.34 -11.58 -6.98
N ALA B 257 27.02 -11.53 -7.17
CA ALA B 257 26.41 -11.19 -8.45
C ALA B 257 26.88 -12.13 -9.57
N SER B 258 27.39 -13.31 -9.22
CA SER B 258 28.13 -14.10 -10.19
C SER B 258 27.19 -14.83 -11.13
N VAL B 259 27.39 -14.64 -12.43
CA VAL B 259 26.63 -15.35 -13.44
C VAL B 259 27.58 -15.84 -14.52
N SER B 260 27.04 -16.72 -15.35
CA SER B 260 27.66 -17.30 -16.52
C SER B 260 26.49 -17.88 -17.30
N ASN B 261 26.74 -18.22 -18.56
CA ASN B 261 25.65 -18.80 -19.35
C ASN B 261 25.13 -20.08 -18.70
N GLU B 262 26.02 -20.92 -18.18
CA GLU B 262 25.58 -22.16 -17.54
C GLU B 262 24.86 -21.89 -16.23
N ALA B 263 25.32 -20.91 -15.48
CA ALA B 263 24.65 -20.61 -14.21
C ALA B 263 23.23 -20.09 -14.45
N LEU B 264 23.06 -19.19 -15.42
CA LEU B 264 21.72 -18.72 -15.75
C LEU B 264 20.81 -19.88 -16.16
N GLU B 265 21.36 -20.85 -16.89
CA GLU B 265 20.57 -22.03 -17.24
C GLU B 265 20.18 -22.83 -16.00
N LEU B 266 21.10 -22.96 -15.04
CA LEU B 266 20.78 -23.72 -13.83
C LEU B 266 19.68 -23.05 -13.02
N TYR B 267 19.76 -21.73 -12.85
CA TYR B 267 18.70 -21.00 -12.14
C TYR B 267 17.36 -21.17 -12.84
N TYR B 268 17.34 -21.06 -14.17
CA TYR B 268 16.12 -21.29 -14.94
C TYR B 268 15.58 -22.71 -14.72
N GLU B 269 16.46 -23.71 -14.79
CA GLU B 269 16.00 -25.08 -14.68
C GLU B 269 15.45 -25.38 -13.29
N LYS B 270 15.93 -24.66 -12.28
CA LYS B 270 15.44 -24.82 -10.92
C LYS B 270 14.24 -23.94 -10.62
N GLY B 271 13.67 -23.28 -11.63
CA GLY B 271 12.45 -22.53 -11.46
C GLY B 271 12.61 -21.10 -11.00
N ILE B 272 13.82 -20.56 -11.03
CA ILE B 272 14.04 -19.16 -10.69
C ILE B 272 13.59 -18.30 -11.87
N ASN B 273 12.72 -17.33 -11.59
CA ASN B 273 12.16 -16.48 -12.63
C ASN B 273 12.93 -15.19 -12.85
N MET B 274 13.64 -14.71 -11.83
N MET B 274 13.63 -14.70 -11.83
CA MET B 274 14.36 -13.45 -11.96
CA MET B 274 14.37 -13.46 -11.97
C MET B 274 15.55 -13.44 -11.01
C MET B 274 15.55 -13.46 -11.01
N LEU B 275 16.64 -12.85 -11.45
CA LEU B 275 17.77 -12.57 -10.59
C LEU B 275 18.30 -11.21 -11.01
N ALA B 276 19.24 -10.70 -10.23
CA ALA B 276 19.98 -9.51 -10.61
C ALA B 276 21.47 -9.85 -10.65
N THR B 277 22.24 -9.03 -11.37
CA THR B 277 23.69 -9.19 -11.37
C THR B 277 24.29 -7.79 -11.53
N ASP B 278 25.54 -7.70 -11.99
CA ASP B 278 26.28 -6.46 -11.88
C ASP B 278 26.44 -5.75 -13.22
N GLU B 279 26.55 -4.42 -13.15
CA GLU B 279 26.68 -3.60 -14.35
C GLU B 279 27.96 -3.89 -15.12
N VAL B 280 29.04 -4.25 -14.43
CA VAL B 280 30.28 -4.55 -15.15
C VAL B 280 30.09 -5.78 -16.03
N ILE B 281 29.32 -6.76 -15.54
CA ILE B 281 29.03 -7.95 -16.34
C ILE B 281 28.20 -7.57 -17.56
N LEU B 282 27.23 -6.66 -17.40
CA LEU B 282 26.48 -6.18 -18.55
C LEU B 282 27.39 -5.53 -19.57
N LYS B 283 28.28 -4.64 -19.11
CA LYS B 283 29.16 -3.95 -20.03
C LYS B 283 30.12 -4.92 -20.73
N ASN B 284 30.51 -6.00 -20.05
CA ASN B 284 31.36 -7.01 -20.66
C ASN B 284 30.62 -7.88 -21.65
N SER B 285 29.29 -7.88 -21.62
CA SER B 285 28.47 -8.84 -22.35
C SER B 285 27.65 -8.23 -23.47
N VAL B 286 27.26 -6.96 -23.33
CA VAL B 286 26.36 -6.29 -24.27
C VAL B 286 26.99 -4.95 -24.63
N GLU B 287 26.98 -4.61 -25.92
CA GLU B 287 27.62 -3.38 -26.38
C GLU B 287 26.88 -2.14 -25.89
N ARG B 288 25.60 -2.01 -26.26
CA ARG B 288 24.77 -0.91 -25.78
C ARG B 288 24.19 -1.35 -24.44
N ALA B 289 24.91 -1.05 -23.38
CA ALA B 289 24.66 -1.65 -22.07
C ALA B 289 23.95 -0.64 -21.16
N SER B 290 22.64 -0.50 -21.34
CA SER B 290 21.86 0.29 -20.38
C SER B 290 21.40 -0.58 -19.23
N PRO B 291 21.71 -0.22 -17.98
CA PRO B 291 21.23 -0.98 -16.83
C PRO B 291 19.79 -0.71 -16.44
N TYR B 292 19.05 0.08 -17.21
CA TYR B 292 17.73 0.52 -16.78
C TYR B 292 16.62 -0.28 -17.44
N LEU B 293 16.95 -1.36 -18.13
CA LEU B 293 16.00 -2.23 -18.84
C LEU B 293 15.79 -3.53 -18.06
N ARG B 294 14.64 -4.14 -18.27
CA ARG B 294 14.48 -5.54 -17.87
C ARG B 294 15.02 -6.43 -18.99
N TYR B 295 15.99 -7.29 -18.68
CA TYR B 295 16.59 -8.16 -19.68
C TYR B 295 15.99 -9.57 -19.59
N TYR B 296 15.94 -10.25 -20.74
CA TYR B 296 15.48 -11.64 -20.82
C TYR B 296 16.63 -12.46 -21.39
N PHE B 297 17.21 -13.31 -20.56
CA PHE B 297 18.32 -14.13 -21.01
C PHE B 297 17.76 -15.31 -21.80
N ARG B 298 17.92 -15.26 -23.13
CA ARG B 298 17.45 -16.33 -24.02
C ARG B 298 15.95 -16.62 -23.84
N GLU B 299 15.20 -15.61 -23.38
CA GLU B 299 13.77 -15.71 -23.10
C GLU B 299 13.45 -16.74 -22.02
N LEU B 300 14.44 -17.11 -21.22
CA LEU B 300 14.29 -18.14 -20.21
C LEU B 300 14.18 -17.58 -18.80
N ILE B 301 14.88 -16.49 -18.50
CA ILE B 301 14.91 -15.97 -17.15
C ILE B 301 15.11 -14.47 -17.23
N SER B 302 14.44 -13.73 -16.35
CA SER B 302 14.55 -12.27 -16.35
C SER B 302 15.77 -11.87 -15.54
N VAL B 303 16.49 -10.85 -16.02
CA VAL B 303 17.75 -10.41 -15.42
C VAL B 303 17.74 -8.90 -15.35
N PHE B 304 18.01 -8.36 -14.17
CA PHE B 304 18.30 -6.95 -14.02
C PHE B 304 19.76 -6.78 -13.64
N PHE B 305 20.36 -5.70 -14.13
CA PHE B 305 21.74 -5.36 -13.81
C PHE B 305 21.70 -4.15 -12.88
N ARG B 306 22.33 -4.28 -11.71
CA ARG B 306 22.27 -3.21 -10.73
C ARG B 306 23.00 -1.98 -11.22
N ASP B 307 22.56 -0.82 -10.75
CA ASP B 307 23.27 0.42 -11.00
C ASP B 307 24.45 0.41 -10.05
N LYS B 308 25.63 0.12 -10.58
CA LYS B 308 26.78 -0.07 -9.70
C LYS B 308 27.16 1.22 -8.99
N THR B 309 27.05 2.37 -9.67
CA THR B 309 27.43 3.63 -9.05
C THR B 309 26.56 3.91 -7.83
N LEU B 310 25.24 3.83 -8.00
CA LEU B 310 24.34 4.12 -6.89
C LEU B 310 24.53 3.13 -5.76
N SER B 311 24.74 1.86 -6.10
CA SER B 311 24.94 0.82 -5.09
C SER B 311 26.24 1.04 -4.33
N ASP B 312 27.31 1.39 -5.04
CA ASP B 312 28.58 1.66 -4.39
C ASP B 312 28.51 2.93 -3.55
N LEU B 313 27.72 3.91 -3.97
CA LEU B 313 27.65 5.15 -3.21
C LEU B 313 27.14 4.87 -1.79
N ILE B 314 26.05 4.11 -1.68
CA ILE B 314 25.57 3.76 -0.34
C ILE B 314 26.54 2.82 0.34
N GLY B 315 27.04 1.82 -0.39
CA GLY B 315 27.80 0.76 0.26
C GLY B 315 29.18 1.17 0.69
N PHE B 316 29.78 2.15 0.00
CA PHE B 316 31.17 2.53 0.28
C PHE B 316 31.44 4.03 0.35
N SER B 317 30.56 4.90 -0.14
CA SER B 317 30.87 6.32 -0.25
C SER B 317 30.28 7.17 0.87
N TYR B 318 28.96 7.07 1.09
CA TYR B 318 28.22 8.07 1.85
C TYR B 318 28.50 8.08 3.34
N HIS B 319 29.18 7.05 3.87
CA HIS B 319 29.67 7.16 5.24
C HIS B 319 30.53 8.40 5.40
N ALA B 320 31.23 8.82 4.34
CA ALA B 320 32.14 9.96 4.37
C ALA B 320 31.44 11.29 4.09
N TRP B 321 30.12 11.29 4.00
CA TRP B 321 29.32 12.47 3.70
C TRP B 321 28.40 12.80 4.86
N ASN B 322 27.99 14.04 4.95
CA ASN B 322 26.86 14.34 5.83
C ASN B 322 25.59 13.81 5.18
N ALA B 323 24.63 13.41 6.03
CA ALA B 323 23.45 12.69 5.54
C ALA B 323 22.63 13.51 4.57
N GLU B 324 22.36 14.77 4.90
CA GLU B 324 21.59 15.64 4.01
C GLU B 324 22.24 15.73 2.64
N ASP B 325 23.56 15.89 2.61
CA ASP B 325 24.26 16.03 1.35
C ASP B 325 24.27 14.73 0.56
N ALA B 326 24.43 13.59 1.25
CA ALA B 326 24.41 12.29 0.60
C ALA B 326 23.05 12.04 -0.06
N VAL B 327 21.97 12.34 0.64
CA VAL B 327 20.63 12.14 0.07
C VAL B 327 20.41 13.08 -1.11
N ARG B 328 20.87 14.33 -1.01
CA ARG B 328 20.74 15.24 -2.15
C ARG B 328 21.49 14.70 -3.36
N ASP B 329 22.71 14.18 -3.13
CA ASP B 329 23.49 13.61 -4.22
C ASP B 329 22.74 12.45 -4.86
N PHE B 330 22.20 11.56 -4.02
CA PHE B 330 21.55 10.34 -4.49
C PHE B 330 20.30 10.67 -5.31
N ILE B 331 19.42 11.51 -4.76
CA ILE B 331 18.23 11.95 -5.49
C ILE B 331 18.63 12.67 -6.76
N GLY B 332 19.69 13.49 -6.70
CA GLY B 332 20.11 14.19 -7.90
C GLY B 332 20.55 13.26 -9.01
N ARG B 333 21.20 12.16 -8.64
CA ARG B 333 21.59 11.18 -9.66
C ARG B 333 20.37 10.47 -10.22
N LEU B 334 19.38 10.17 -9.37
CA LEU B 334 18.13 9.61 -9.87
C LEU B 334 17.43 10.57 -10.81
N LYS B 335 17.47 11.87 -10.51
CA LYS B 335 16.85 12.84 -11.40
C LYS B 335 17.52 12.82 -12.77
N LYS B 336 18.84 12.71 -12.79
CA LYS B 336 19.57 12.72 -14.07
C LYS B 336 19.25 11.47 -14.89
N ILE B 337 19.15 10.31 -14.25
CA ILE B 337 18.71 9.08 -14.92
C ILE B 337 17.31 9.29 -15.51
N HIS B 338 16.38 9.76 -14.67
CA HIS B 338 15.00 9.98 -15.10
C HIS B 338 14.92 10.92 -16.32
N GLU B 339 15.76 11.95 -16.35
CA GLU B 339 15.72 12.90 -17.46
C GLU B 339 16.51 12.45 -18.67
N SER B 340 17.29 11.37 -18.57
CA SER B 340 18.16 10.95 -19.65
C SER B 340 17.52 9.93 -20.58
N VAL B 341 16.36 9.38 -20.22
CA VAL B 341 15.71 8.36 -21.03
C VAL B 341 14.28 8.80 -21.31
N ASP B 342 13.73 8.28 -22.41
CA ASP B 342 12.36 8.58 -22.79
C ASP B 342 11.37 7.50 -22.37
N PHE B 343 11.85 6.49 -21.64
CA PHE B 343 11.03 5.43 -21.08
C PHE B 343 11.11 5.53 -19.56
N GLN B 344 10.41 4.62 -18.87
CA GLN B 344 10.48 4.56 -17.41
C GLN B 344 11.61 3.64 -16.97
N PRO B 345 12.73 4.18 -16.49
CA PRO B 345 13.88 3.32 -16.16
C PRO B 345 13.64 2.55 -14.88
N VAL B 346 14.23 1.35 -14.81
CA VAL B 346 14.24 0.54 -13.61
C VAL B 346 15.65 0.57 -13.05
N VAL B 347 15.79 1.03 -11.80
CA VAL B 347 17.09 1.28 -11.19
C VAL B 347 17.22 0.33 -10.01
N PHE B 348 18.06 -0.70 -10.17
CA PHE B 348 18.29 -1.66 -9.10
C PHE B 348 19.47 -1.19 -8.26
N VAL B 349 19.24 -1.04 -6.96
CA VAL B 349 20.28 -0.70 -6.01
C VAL B 349 20.47 -1.94 -5.16
N VAL B 350 21.56 -2.68 -5.40
CA VAL B 350 21.77 -3.98 -4.78
C VAL B 350 23.13 -3.98 -4.10
N LEU B 351 23.14 -4.31 -2.82
CA LEU B 351 24.38 -4.30 -2.06
C LEU B 351 24.14 -5.04 -0.75
N ASN B 352 25.20 -5.27 -0.02
CA ASN B 352 25.07 -5.93 1.27
C ASN B 352 24.24 -4.99 2.13
N GLY B 353 23.40 -5.56 2.98
CA GLY B 353 22.50 -4.76 3.79
C GLY B 353 22.92 -4.53 5.21
N GLU B 354 24.10 -5.01 5.62
CA GLU B 354 24.44 -4.99 7.03
C GLU B 354 25.87 -4.54 7.32
N ASN B 355 26.70 -4.30 6.31
CA ASN B 355 28.13 -4.03 6.55
C ASN B 355 28.51 -2.56 6.50
N CYS B 356 27.76 -1.71 5.81
CA CYS B 356 28.20 -0.33 5.64
C CYS B 356 27.80 0.58 6.81
N TRP B 357 26.73 0.26 7.54
CA TRP B 357 26.14 1.20 8.49
C TRP B 357 27.06 1.51 9.66
N GLU B 358 27.89 0.54 10.07
CA GLU B 358 28.77 0.76 11.20
C GLU B 358 29.80 1.85 10.95
N TYR B 359 30.03 2.24 9.70
CA TYR B 359 30.93 3.34 9.37
C TYR B 359 30.20 4.66 9.20
N TYR B 360 28.88 4.67 9.23
CA TYR B 360 28.11 5.90 9.15
C TYR B 360 27.95 6.48 10.54
N GLU B 361 27.86 7.80 10.60
CA GLU B 361 27.43 8.46 11.83
C GLU B 361 26.12 7.85 12.30
N GLU B 362 26.03 7.57 13.60
CA GLU B 362 24.81 7.07 14.20
C GLU B 362 24.27 5.82 13.49
N ASN B 363 25.17 4.97 13.01
CA ASN B 363 24.79 3.65 12.46
C ASN B 363 23.87 3.79 11.25
N GLY B 364 24.05 4.87 10.50
CA GLY B 364 23.32 5.08 9.26
C GLY B 364 21.88 5.55 9.43
N ILE B 365 21.40 5.69 10.67
CA ILE B 365 20.00 6.04 10.88
C ILE B 365 19.66 7.42 10.32
N PRO B 366 20.43 8.48 10.58
CA PRO B 366 20.14 9.74 9.90
C PRO B 366 20.08 9.62 8.38
N PHE B 367 21.01 8.88 7.77
CA PHE B 367 21.02 8.77 6.31
C PHE B 367 19.78 8.04 5.81
N LEU B 368 19.50 6.86 6.36
CA LEU B 368 18.39 6.06 5.85
C LEU B 368 17.05 6.71 6.16
N GLU B 369 16.89 7.28 7.36
CA GLU B 369 15.63 7.95 7.66
C GLU B 369 15.41 9.12 6.72
N LYS B 370 16.48 9.86 6.41
CA LYS B 370 16.36 10.97 5.49
C LYS B 370 16.15 10.49 4.06
N LEU B 371 16.87 9.44 3.66
CA LEU B 371 16.69 8.89 2.33
C LEU B 371 15.26 8.40 2.12
N TYR B 372 14.78 7.56 3.04
CA TYR B 372 13.46 6.97 2.90
C TYR B 372 12.36 8.03 3.00
N SER B 373 12.51 8.98 3.92
CA SER B 373 11.52 10.05 4.05
C SER B 373 11.47 10.86 2.77
N THR B 374 12.63 11.10 2.15
CA THR B 374 12.68 11.88 0.93
C THR B 374 12.07 11.12 -0.24
N LEU B 375 12.36 9.82 -0.34
CA LEU B 375 11.87 9.02 -1.46
C LEU B 375 10.35 8.91 -1.45
N GLU B 376 9.74 8.83 -0.27
CA GLU B 376 8.30 8.68 -0.24
C GLU B 376 7.59 9.98 -0.60
N LYS B 377 8.32 11.09 -0.67
CA LYS B 377 7.73 12.35 -1.07
C LYS B 377 7.92 12.67 -2.55
N GLU B 378 8.85 12.01 -3.24
CA GLU B 378 9.06 12.29 -4.66
C GLU B 378 7.98 11.60 -5.50
N GLU B 379 7.15 12.38 -6.19
CA GLU B 379 6.06 11.81 -6.97
C GLU B 379 6.55 11.04 -8.18
N TRP B 380 7.74 11.36 -8.67
CA TRP B 380 8.26 10.80 -9.90
C TRP B 380 9.08 9.53 -9.67
N ILE B 381 9.26 9.11 -8.42
CA ILE B 381 9.92 7.86 -8.08
C ILE B 381 8.87 6.92 -7.51
N GLU B 382 8.88 5.68 -7.97
CA GLU B 382 8.07 4.62 -7.38
C GLU B 382 9.00 3.50 -6.99
N THR B 383 9.10 3.22 -5.69
CA THR B 383 9.85 2.06 -5.25
C THR B 383 9.02 0.81 -5.49
N LEU B 384 9.68 -0.27 -5.88
CA LEU B 384 9.00 -1.52 -6.26
C LEU B 384 9.51 -2.69 -5.44
N THR B 385 8.62 -3.65 -5.20
CA THR B 385 9.06 -4.98 -4.78
C THR B 385 9.72 -5.70 -5.96
N LEU B 386 10.46 -6.77 -5.65
CA LEU B 386 11.01 -7.59 -6.73
C LEU B 386 9.89 -8.15 -7.62
N GLU B 387 8.76 -8.54 -7.01
CA GLU B 387 7.63 -9.05 -7.78
C GLU B 387 7.14 -8.01 -8.78
N GLU B 388 6.96 -6.77 -8.32
CA GLU B 388 6.50 -5.71 -9.22
C GLU B 388 7.51 -5.42 -10.33
N ALA B 389 8.80 -5.40 -10.00
CA ALA B 389 9.82 -5.13 -11.00
C ALA B 389 9.85 -6.23 -12.04
N MET B 390 9.67 -7.47 -11.60
CA MET B 390 9.68 -8.61 -12.50
C MET B 390 8.54 -8.53 -13.52
N ARG B 391 7.37 -8.05 -13.10
CA ARG B 391 6.17 -8.14 -13.93
C ARG B 391 5.70 -6.80 -14.48
N LYS B 392 6.34 -5.68 -14.12
CA LYS B 392 5.86 -4.37 -14.57
C LYS B 392 5.82 -4.32 -16.10
N GLU B 393 4.67 -3.93 -16.65
CA GLU B 393 4.51 -3.93 -18.10
C GLU B 393 5.16 -2.72 -18.77
N ASP B 394 5.06 -1.55 -18.14
CA ASP B 394 5.45 -0.30 -18.78
C ASP B 394 6.93 0.02 -18.57
N VAL B 395 7.80 -0.93 -18.90
CA VAL B 395 9.24 -0.75 -18.83
C VAL B 395 9.83 -1.18 -20.17
N LYS B 396 11.09 -0.83 -20.38
CA LYS B 396 11.78 -1.19 -21.60
C LYS B 396 12.51 -2.51 -21.38
N THR B 397 12.47 -3.39 -22.38
CA THR B 397 13.07 -4.71 -22.26
C THR B 397 14.01 -4.99 -23.43
N GLU B 398 14.85 -5.99 -23.22
CA GLU B 398 15.80 -6.43 -24.25
C GLU B 398 16.13 -7.89 -24.00
N VAL B 399 16.25 -8.64 -25.09
CA VAL B 399 16.70 -10.03 -25.04
C VAL B 399 18.21 -10.04 -25.20
N ILE B 400 18.90 -10.82 -24.36
CA ILE B 400 20.33 -11.02 -24.53
C ILE B 400 20.59 -12.52 -24.60
N GLU B 401 21.61 -12.90 -25.36
CA GLU B 401 21.85 -14.30 -25.65
C GLU B 401 23.07 -14.87 -24.95
N SER B 402 23.88 -14.06 -24.28
CA SER B 402 25.14 -14.55 -23.73
C SER B 402 25.70 -13.53 -22.76
N VAL B 403 26.30 -14.02 -21.67
CA VAL B 403 27.05 -13.15 -20.77
C VAL B 403 28.47 -13.67 -20.67
N LYS B 404 29.38 -12.77 -20.35
CA LYS B 404 30.74 -13.11 -19.98
C LYS B 404 30.77 -13.36 -18.47
N ALA B 405 31.21 -14.56 -18.09
CA ALA B 405 31.17 -14.96 -16.69
C ALA B 405 31.98 -13.98 -15.83
N GLY B 406 31.45 -13.66 -14.66
CA GLY B 406 32.14 -12.73 -13.80
C GLY B 406 31.43 -12.60 -12.48
N THR B 407 31.86 -11.63 -11.69
CA THR B 407 31.27 -11.26 -10.41
C THR B 407 31.20 -9.74 -10.34
N TRP B 408 30.63 -9.23 -9.24
CA TRP B 408 30.62 -7.78 -9.09
C TRP B 408 31.95 -7.21 -8.59
N PHE B 409 32.99 -8.03 -8.44
CA PHE B 409 34.34 -7.51 -8.19
C PHE B 409 35.05 -7.49 -9.54
N ASP B 410 35.09 -6.32 -10.17
CA ASP B 410 35.79 -6.10 -11.43
C ASP B 410 35.34 -7.05 -12.54
N GLY B 411 34.15 -7.62 -12.43
CA GLY B 411 33.66 -8.52 -13.45
C GLY B 411 34.43 -9.81 -13.60
N ASN B 412 35.23 -10.19 -12.61
CA ASN B 412 36.02 -11.39 -12.73
C ASN B 412 36.04 -12.14 -11.39
N PHE B 413 36.82 -13.21 -11.36
CA PHE B 413 36.84 -14.14 -10.23
C PHE B 413 38.11 -14.05 -9.39
N LEU B 414 38.92 -13.02 -9.60
CA LEU B 414 40.25 -12.96 -8.99
C LEU B 414 40.21 -12.77 -7.48
N LYS B 415 39.09 -12.33 -6.91
CA LYS B 415 39.05 -12.23 -5.46
C LYS B 415 38.91 -13.59 -4.79
N TRP B 416 38.66 -14.65 -5.55
CA TRP B 416 38.46 -15.97 -4.97
C TRP B 416 39.35 -17.06 -5.56
N ILE B 417 40.11 -16.78 -6.61
CA ILE B 417 40.91 -17.80 -7.28
C ILE B 417 41.98 -17.10 -8.10
N GLY B 418 43.07 -17.81 -8.38
CA GLY B 418 44.09 -17.30 -9.29
C GLY B 418 45.37 -16.81 -8.66
N ASN B 419 45.49 -16.81 -7.34
CA ASN B 419 46.78 -16.58 -6.69
C ASN B 419 47.15 -17.82 -5.90
N LYS B 420 48.39 -17.85 -5.38
CA LYS B 420 48.91 -19.07 -4.78
C LYS B 420 48.07 -19.51 -3.58
N GLU B 421 47.73 -18.58 -2.69
CA GLU B 421 47.02 -18.96 -1.47
C GLU B 421 45.57 -19.32 -1.74
N LYS B 422 44.87 -18.56 -2.59
CA LYS B 422 43.49 -18.93 -2.89
C LYS B 422 43.44 -20.23 -3.69
N ASN B 423 44.42 -20.47 -4.57
CA ASN B 423 44.44 -21.72 -5.31
C ASN B 423 44.62 -22.91 -4.38
N GLU B 424 45.39 -22.75 -3.30
CA GLU B 424 45.58 -23.85 -2.37
C GLU B 424 44.25 -24.24 -1.70
N TYR B 425 43.38 -23.26 -1.43
CA TYR B 425 42.06 -23.61 -0.94
C TYR B 425 41.29 -24.45 -1.95
N TRP B 426 41.30 -24.06 -3.23
CA TRP B 426 40.61 -24.86 -4.23
C TRP B 426 41.23 -26.25 -4.34
N LYS B 427 42.57 -26.33 -4.32
CA LYS B 427 43.22 -27.64 -4.34
C LYS B 427 42.75 -28.49 -3.16
N ILE B 428 42.69 -27.89 -1.97
CA ILE B 428 42.20 -28.59 -0.78
C ILE B 428 40.77 -29.04 -0.99
N LEU B 429 39.95 -28.18 -1.57
CA LEU B 429 38.55 -28.52 -1.80
C LEU B 429 38.41 -29.63 -2.84
N ILE B 430 39.21 -29.57 -3.91
CA ILE B 430 39.16 -30.60 -4.95
C ILE B 430 39.53 -31.96 -4.36
N GLU B 431 40.58 -32.00 -3.54
CA GLU B 431 41.02 -33.27 -2.97
C GLU B 431 39.96 -33.83 -2.02
N ALA B 432 39.36 -32.96 -1.21
CA ALA B 432 38.34 -33.39 -0.26
C ALA B 432 37.06 -33.82 -0.96
N LYS B 433 36.71 -33.17 -2.07
CA LYS B 433 35.52 -33.57 -2.81
C LYS B 433 35.60 -35.02 -3.27
N LYS B 434 36.80 -35.48 -3.66
CA LYS B 434 36.98 -36.87 -4.06
C LYS B 434 36.59 -37.84 -2.94
N LYS B 435 36.78 -37.45 -1.68
CA LYS B 435 36.53 -38.31 -0.54
C LYS B 435 35.33 -37.84 0.29
N ALA B 436 34.48 -37.00 -0.28
CA ALA B 436 33.43 -36.37 0.50
C ALA B 436 32.31 -37.36 0.80
N LYS B 437 31.79 -37.29 2.04
CA LYS B 437 30.77 -38.21 2.50
C LYS B 437 29.49 -37.54 3.00
N ASN B 438 29.49 -36.21 3.14
CA ASN B 438 28.31 -35.52 3.66
C ASN B 438 28.31 -34.09 3.12
N ASP B 439 27.26 -33.35 3.47
CA ASP B 439 27.03 -32.02 2.93
C ASP B 439 27.94 -30.96 3.54
N TYR B 440 28.81 -31.31 4.47
CA TYR B 440 29.79 -30.33 4.91
C TYR B 440 30.69 -29.91 3.76
N ILE B 441 30.77 -30.70 2.69
CA ILE B 441 31.54 -30.24 1.53
C ILE B 441 30.86 -29.04 0.90
N LEU B 442 29.53 -28.95 0.98
CA LEU B 442 28.84 -27.77 0.49
C LEU B 442 29.20 -26.54 1.32
N VAL B 443 29.34 -26.72 2.63
CA VAL B 443 29.70 -25.61 3.50
C VAL B 443 31.04 -25.04 3.08
N ALA B 444 32.00 -25.92 2.77
CA ALA B 444 33.34 -25.53 2.36
C ALA B 444 33.37 -24.90 0.98
N GLU B 445 32.29 -25.02 0.22
CA GLU B 445 32.22 -24.36 -1.09
C GLU B 445 31.79 -22.90 -0.99
N GLY B 446 31.48 -22.41 0.21
CA GLY B 446 31.05 -21.03 0.35
C GLY B 446 32.14 -20.04 -0.06
N SER B 447 31.70 -18.91 -0.60
CA SER B 447 32.66 -17.96 -1.18
C SER B 447 33.54 -17.34 -0.13
N ASP B 448 33.03 -17.21 1.10
CA ASP B 448 33.73 -16.45 2.13
C ASP B 448 35.13 -16.98 2.42
N TRP B 449 35.29 -18.30 2.45
CA TRP B 449 36.59 -18.87 2.80
C TRP B 449 37.66 -18.41 1.83
N PHE B 450 37.34 -18.43 0.53
CA PHE B 450 38.29 -18.04 -0.50
C PHE B 450 38.52 -16.56 -0.51
N TRP B 451 37.49 -15.78 -0.15
CA TRP B 451 37.61 -14.34 -0.04
C TRP B 451 38.74 -13.94 0.91
N TRP B 452 38.77 -14.53 2.11
CA TRP B 452 39.72 -14.09 3.14
C TRP B 452 41.09 -14.70 2.94
N GLN B 453 41.15 -15.86 2.30
CA GLN B 453 42.42 -16.54 2.12
C GLN B 453 43.36 -15.72 1.24
N GLY B 454 44.58 -15.62 1.67
CA GLY B 454 45.53 -14.92 0.87
C GLY B 454 45.44 -13.44 0.91
N GLU B 455 45.05 -12.91 2.06
CA GLU B 455 44.90 -11.49 2.24
C GLU B 455 46.00 -10.97 3.16
N GLU B 456 45.66 -10.23 4.23
CA GLU B 456 46.65 -9.62 5.14
C GLU B 456 46.67 -9.84 6.69
N LYS B 457 46.93 -11.07 7.14
CA LYS B 457 46.99 -11.44 8.56
C LYS B 457 46.13 -10.61 9.49
N ALA B 458 45.16 -9.90 8.94
CA ALA B 458 44.22 -9.14 9.74
C ALA B 458 43.74 -10.00 10.90
N PRO B 459 43.27 -9.33 12.03
CA PRO B 459 42.81 -10.24 13.10
C PRO B 459 41.61 -11.15 12.64
N PHE B 460 41.55 -12.33 13.20
CA PHE B 460 40.56 -13.32 12.89
C PHE B 460 40.63 -14.05 11.59
N VAL B 461 41.44 -13.60 10.68
CA VAL B 461 41.57 -14.33 9.42
C VAL B 461 41.90 -15.78 9.70
N GLU B 462 42.68 -16.04 10.76
CA GLU B 462 43.01 -17.42 11.08
C GLU B 462 41.78 -18.22 11.49
N VAL B 463 40.75 -17.55 12.02
CA VAL B 463 39.53 -18.25 12.37
C VAL B 463 38.80 -18.73 11.12
N PHE B 464 38.76 -17.91 10.06
CA PHE B 464 38.14 -18.34 8.82
C PHE B 464 38.87 -19.55 8.24
N ASP B 465 40.20 -19.57 8.39
CA ASP B 465 40.99 -20.71 7.93
C ASP B 465 40.68 -21.96 8.77
N LYS B 466 40.55 -21.80 10.08
CA LYS B 466 40.18 -22.92 10.94
C LYS B 466 38.82 -23.47 10.56
N LEU B 467 37.85 -22.58 10.31
CA LEU B 467 36.53 -23.05 9.93
C LEU B 467 36.55 -23.81 8.62
N PHE B 468 37.13 -23.20 7.57
CA PHE B 468 37.20 -23.85 6.26
C PHE B 468 37.79 -25.24 6.37
N ARG B 469 38.98 -25.35 6.99
CA ARG B 469 39.65 -26.64 7.03
C ARG B 469 38.90 -27.63 7.92
N SER B 470 38.20 -27.15 8.94
CA SER B 470 37.39 -28.04 9.77
C SER B 470 36.19 -28.59 9.00
N PHE B 471 35.54 -27.73 8.20
CA PHE B 471 34.44 -28.22 7.37
C PHE B 471 34.95 -29.23 6.35
N VAL B 472 36.13 -28.98 5.77
CA VAL B 472 36.73 -29.89 4.81
C VAL B 472 37.02 -31.23 5.48
N ARG B 473 37.56 -31.18 6.69
CA ARG B 473 37.84 -32.43 7.41
C ARG B 473 36.55 -33.15 7.76
N ARG B 474 35.57 -32.42 8.26
CA ARG B 474 34.30 -33.02 8.64
C ARG B 474 33.60 -33.64 7.43
N ALA B 475 33.79 -33.05 6.25
CA ALA B 475 33.12 -33.52 5.03
C ALA B 475 33.54 -34.93 4.64
N GLN B 476 34.69 -35.41 5.12
CA GLN B 476 35.23 -36.70 4.72
C GLN B 476 35.02 -37.78 5.78
N GLU B 477 34.16 -37.53 6.75
CA GLU B 477 33.87 -38.50 7.81
C GLU B 477 32.41 -38.90 7.76
C1 GLC C . -18.53 17.48 4.20
C2 GLC C . -18.81 18.82 3.52
C3 GLC C . -20.10 18.94 2.75
C4 GLC C . -20.46 17.67 2.02
C5 GLC C . -20.44 16.52 3.01
C6 GLC C . -20.53 15.25 2.20
O1 GLC C . -18.35 17.61 5.57
O2 GLC C . -18.65 19.92 4.39
O3 GLC C . -19.83 19.91 1.77
O4 GLC C . -21.72 17.76 1.37
O5 GLC C . -19.33 16.41 3.83
O6 GLC C . -19.28 14.76 1.81
C1 GLC C . -21.90 18.46 0.28
C2 GLC C . -23.33 18.87 0.44
C3 GLC C . -24.23 17.64 0.41
C4 GLC C . -23.92 16.83 -0.86
C5 GLC C . -22.43 16.60 -1.11
C6 GLC C . -22.32 16.09 -2.56
O2 GLC C . -23.49 19.62 1.65
O3 GLC C . -25.50 18.15 0.42
O4 GLC C . -24.55 15.61 -1.01
O5 GLC C . -21.72 17.81 -0.98
O6 GLC C . -22.72 17.05 -3.55
C1 GLC C . -25.91 15.67 -0.94
C2 GLC C . -26.37 14.22 -1.12
C3 GLC C . -26.15 13.81 -2.58
C4 GLC C . -26.80 14.83 -3.56
C5 GLC C . -26.41 16.26 -3.15
C6 GLC C . -27.22 17.27 -3.96
O2 GLC C . -25.78 13.35 -0.13
O3 GLC C . -26.63 12.52 -2.83
O4 GLC C . -26.35 14.59 -4.89
O5 GLC C . -26.56 16.56 -1.83
O6 GLC C . -28.57 17.24 -3.61
C1 GLC C . -27.16 13.74 -5.63
C2 GLC C . -26.29 12.83 -6.48
C3 GLC C . -25.53 13.66 -7.50
C4 GLC C . -26.51 14.59 -8.26
C5 GLC C . -27.41 15.34 -7.26
C6 GLC C . -28.49 16.17 -7.91
O2 GLC C . -25.48 12.05 -5.67
O3 GLC C . -24.85 12.86 -8.44
O4 GLC C . -25.75 15.47 -9.09
O5 GLC C . -28.07 14.46 -6.41
O6 GLC C . -29.40 16.67 -6.99
C1 GLC C . -26.05 15.54 -10.45
C2 GLC C . -24.84 15.06 -11.28
C3 GLC C . -23.77 16.13 -11.12
C4 GLC C . -24.26 17.51 -11.51
C5 GLC C . -25.54 17.81 -10.78
C6 GLC C . -26.11 19.10 -11.38
O2 GLC C . -24.37 13.75 -10.93
O3 GLC C . -22.59 15.84 -11.82
O4 GLC C . -23.26 18.45 -11.22
O5 GLC C . -26.46 16.79 -10.90
O6 GLC C . -26.56 18.82 -12.64
C1 GLC C . -23.04 19.18 -12.39
C2 GLC C . -21.60 19.07 -12.81
C3 GLC C . -20.76 19.49 -11.64
C4 GLC C . -21.09 20.93 -11.28
C5 GLC C . -22.60 21.06 -11.05
C6 GLC C . -23.12 22.49 -11.04
O2 GLC C . -21.30 17.75 -13.06
O3 GLC C . -19.38 19.29 -11.84
O4 GLC C . -20.34 21.08 -10.09
O5 GLC C . -23.25 20.56 -12.15
O6 GLC C . -23.37 22.97 -12.38
C1 GLC D . 30.99 -3.00 -5.64
C2 GLC D . 32.43 -3.33 -5.34
C3 GLC D . 32.72 -4.54 -4.46
C4 GLC D . 31.58 -4.88 -3.56
C5 GLC D . 30.30 -4.95 -4.34
C6 GLC D . 29.23 -5.17 -3.30
O1 GLC D . 30.85 -2.71 -6.98
O2 GLC D . 33.25 -3.26 -6.51
O3 GLC D . 33.82 -4.17 -3.70
O4 GLC D . 31.72 -6.15 -2.99
O5 GLC D . 30.00 -3.86 -5.16
O6 GLC D . 28.90 -4.01 -2.60
C1 GLC D . 32.81 -6.25 -2.10
C2 GLC D . 33.26 -7.69 -2.30
C3 GLC D . 32.12 -8.62 -1.95
C4 GLC D . 31.68 -8.36 -0.51
C5 GLC D . 31.47 -6.87 -0.20
C6 GLC D . 31.50 -6.63 1.31
O2 GLC D . 33.49 -7.92 -3.67
O3 GLC D . 32.66 -9.91 -2.19
O4 GLC D . 30.46 -8.99 -0.17
O5 GLC D . 32.47 -6.03 -0.75
O6 GLC D . 30.47 -5.74 1.66
C1 GLC D . 30.46 -10.42 -0.30
C2 GLC D . 29.14 -10.90 0.27
C3 GLC D . 29.06 -10.64 1.77
C4 GLC D . 30.28 -11.24 2.49
C5 GLC D . 31.58 -10.82 1.81
C6 GLC D . 32.81 -11.56 2.34
O2 GLC D . 28.11 -10.20 -0.41
O3 GLC D . 27.82 -11.15 2.24
O4 GLC D . 30.31 -10.71 3.80
O5 GLC D . 31.54 -11.03 0.41
O6 GLC D . 32.68 -12.92 1.98
C1 GLC D . 29.67 -11.59 4.75
C2 GLC D . 29.00 -10.72 5.81
C3 GLC D . 30.03 -9.91 6.56
C4 GLC D . 31.08 -10.85 7.16
C5 GLC D . 31.64 -11.75 6.05
C6 GLC D . 32.59 -12.82 6.58
O2 GLC D . 28.05 -9.86 5.23
O3 GLC D . 29.41 -9.20 7.61
O4 GLC D . 32.11 -10.02 7.69
O5 GLC D . 30.60 -12.44 5.39
O6 GLC D . 32.97 -13.61 5.48
C1 GLC D . 32.40 -10.35 9.06
C2 GLC D . 32.16 -9.11 9.92
C3 GLC D . 33.11 -7.99 9.54
C4 GLC D . 34.54 -8.48 9.69
C5 GLC D . 34.73 -9.78 8.90
C6 GLC D . 36.12 -10.39 9.16
O2 GLC D . 30.82 -8.67 9.82
O3 GLC D . 32.93 -6.85 10.35
O4 GLC D . 35.38 -7.47 9.19
O5 GLC D . 33.75 -10.76 9.23
O6 GLC D . 36.30 -10.66 10.55
C1 GLC D . 36.38 -7.12 10.17
C2 GLC D . 36.20 -5.64 10.56
C3 GLC D . 36.29 -4.80 9.29
C4 GLC D . 37.59 -5.08 8.62
C5 GLC D . 37.83 -6.59 8.43
C6 GLC D . 39.22 -6.73 7.80
O2 GLC D . 35.02 -5.41 11.15
O3 GLC D . 36.13 -3.44 9.62
O4 GLC D . 37.57 -4.54 7.32
O5 GLC D . 37.67 -7.28 9.65
O6 GLC D . 39.30 -5.79 6.69
C1 GOL E . -24.76 15.33 27.21
O1 GOL E . -23.83 14.43 27.76
C2 GOL E . -25.78 14.47 26.43
O2 GOL E . -26.72 13.89 27.25
C3 GOL E . -26.38 15.41 25.35
O3 GOL E . -26.97 16.49 26.02
C1 GOL F . -14.64 4.26 -8.27
O1 GOL F . -13.32 4.16 -8.69
C2 GOL F . -15.55 4.22 -9.52
O2 GOL F . -16.91 4.21 -9.10
C3 GOL F . -15.12 2.93 -10.28
O3 GOL F . -15.84 2.89 -11.51
C1 GOL G . -26.08 28.31 -0.60
O1 GOL G . -24.88 28.50 0.12
C2 GOL G . -26.84 29.59 -0.54
O2 GOL G . -26.14 30.55 -1.33
C3 GOL G . -27.14 30.12 0.86
O3 GOL G . -26.14 29.73 1.81
C1 GOL H . -29.82 -10.76 0.18
O1 GOL H . -30.75 -10.34 -0.75
C2 GOL H . -30.64 -10.92 1.42
O2 GOL H . -31.12 -9.72 1.88
C3 GOL H . -29.93 -11.76 2.46
O3 GOL H . -28.75 -11.12 2.75
C1 GOL I . 19.83 0.36 11.87
O1 GOL I . 19.99 -0.39 13.08
C2 GOL I . 20.92 -0.09 10.80
O2 GOL I . 20.84 -1.45 10.46
C3 GOL I . 20.63 0.78 9.55
O3 GOL I . 20.56 2.12 9.95
C1 GOL J . 3.82 -14.48 3.11
O1 GOL J . 2.53 -14.75 2.74
C2 GOL J . 4.19 -15.49 4.22
O2 GOL J . 4.03 -14.98 5.49
C3 GOL J . 5.63 -15.81 3.94
O3 GOL J . 5.61 -16.37 2.68
#